data_7SX5
#
_entry.id   7SX5
#
_cell.length_a   63.755
_cell.length_b   116.407
_cell.length_c   126.012
_cell.angle_alpha   90.000
_cell.angle_beta   90.000
_cell.angle_gamma   90.000
#
_symmetry.space_group_name_H-M   'P 21 21 21'
#
loop_
_entity.id
_entity.type
_entity.pdbx_description
1 polymer 'DNA ligase 1'
2 polymer 'DNA chain 1'
3 polymer 'DNA chain 2'
4 polymer 'DNA chain 3'
5 non-polymer 'ADENOSINE MONOPHOSPHATE'
6 water water
#
loop_
_entity_poly.entity_id
_entity_poly.type
_entity_poly.pdbx_seq_one_letter_code
_entity_poly.pdbx_strand_id
1 'polypeptide(L)'
;LDPSGYNPAKNNYHPVEDACWKPGQKVPYLAVARTFEKIEEVSARLRMVETLSNLLRSVVALSPPDLLPVLYLSLNHLGP
PQQGLALGVGDGVLLKAVAQATGRQLESVRAEAAEKGDVGLVAENSRSTQRLMLPPPPLTASGVFSKFRDIARLTGSAST
AKKIDIIKGLFVACRHSEARFIARSLSGRLRLGLAEQSVLAALSQAVSLTPPGQEFPPAMVDAGKGKTAEARKTWLEEQG
MILKQTFCEVPDLDRIIPVLLEHGLERLPEHCKLSPGIPLKPMLAHPTRGISEVLKRFEEAAFTCEYKYDGQRAQIHALE
GGEVKIFSRNQADNTGKYPDIISRIPKIKLPSVTSFILDTEAVAWDREKKQIQPFQVLTTRKRKEVDASEIQVQVCLYAF
DLIYLNGESLVREPLSRRRQLLRENFVETEGEFVFATSLDTKDIEQIAEFLEQSVKDSCEGLMVKTLDVDATYEIAKRSH
NWLKLKKDYLDGVGDTLDLVVIGAYLGRGKRAGRYGGFLLASYDEDSEELQAICKLGTGFSDEELEEHHQSLKALVLPSP
RPYVRIDGAVIPDHWLDPSAVWEVKCADLSLSPIYPAARGLVDSDKGISLRFPRFIRVREDKQPEQATTSAQVACLYRKQ
SQIQNQQGEDSGSDPEDTAAALEHHHHHH
;
A
2 'polydeoxyribonucleotide' (DG)(DC)(DT)(DG)(DA)(DT)(DG)(DC)(DG)(DT)(DA) B
3 'polydeoxyribonucleotide' (DG)(DT)(DC)(DG)(DG)(DA)(DC) C
4 'polydeoxyribonucleotide' (DG)(DT)(DC)(DC)(DG)(DA)(DC)(DC)(DA)(DC)(DG)(DC)(DA)(DT)(DC)(DA)(DG)(DC) D
#
# COMPACT_ATOMS: atom_id res chain seq x y z
N LEU A 1 -39.22 8.33 -2.27
CA LEU A 1 -37.84 8.72 -2.53
C LEU A 1 -37.05 8.93 -1.24
N ASP A 2 -37.03 7.90 -0.43
CA ASP A 2 -36.32 7.94 0.82
C ASP A 2 -35.05 7.14 0.64
N PRO A 3 -33.92 7.65 1.12
CA PRO A 3 -32.70 6.88 0.95
C PRO A 3 -32.53 5.75 1.94
N SER A 4 -33.16 5.81 3.11
CA SER A 4 -33.06 4.69 4.05
C SER A 4 -33.37 3.34 3.40
N GLY A 5 -34.02 3.33 2.24
CA GLY A 5 -34.29 2.11 1.50
C GLY A 5 -33.68 2.07 0.12
N TYR A 6 -32.76 2.99 -0.16
CA TYR A 6 -32.03 3.00 -1.43
C TYR A 6 -31.29 1.69 -1.62
N ASN A 7 -31.15 1.30 -2.88
CA ASN A 7 -30.67 -0.03 -3.22
C ASN A 7 -30.06 -0.08 -4.62
N PRO A 8 -28.75 0.14 -4.76
CA PRO A 8 -28.09 -0.15 -6.05
C PRO A 8 -27.80 -1.61 -6.25
N ALA A 9 -28.21 -2.50 -5.35
CA ALA A 9 -28.02 -3.91 -5.64
C ALA A 9 -29.12 -4.43 -6.55
N LYS A 10 -30.23 -3.70 -6.61
CA LYS A 10 -31.45 -4.16 -7.28
C LYS A 10 -31.16 -4.68 -8.70
N ASN A 11 -32.09 -5.48 -9.21
CA ASN A 11 -31.97 -5.96 -10.57
C ASN A 11 -32.61 -5.00 -11.54
N ASN A 12 -32.13 -5.02 -12.78
CA ASN A 12 -32.59 -4.12 -13.86
C ASN A 12 -32.61 -2.68 -13.36
N TYR A 13 -31.56 -2.33 -12.63
CA TYR A 13 -31.46 -1.05 -11.96
C TYR A 13 -31.61 0.10 -12.95
N HIS A 14 -32.55 1.00 -12.68
CA HIS A 14 -32.74 2.18 -13.53
C HIS A 14 -32.02 3.35 -12.90
N PRO A 15 -31.00 3.93 -13.57
CA PRO A 15 -30.23 5.02 -12.96
C PRO A 15 -31.09 6.13 -12.36
N VAL A 16 -32.19 6.49 -13.01
CA VAL A 16 -33.04 7.56 -12.49
C VAL A 16 -34.15 7.00 -11.59
N GLU A 17 -34.93 6.04 -12.10
CA GLU A 17 -36.12 5.65 -11.36
C GLU A 17 -35.80 5.02 -10.01
N ASP A 18 -34.58 4.55 -9.83
CA ASP A 18 -34.19 3.87 -8.62
C ASP A 18 -33.29 4.73 -7.75
N ALA A 19 -32.87 5.90 -8.23
CA ALA A 19 -32.09 6.82 -7.42
C ALA A 19 -32.87 7.17 -6.14
N CYS A 20 -32.20 7.87 -5.21
CA CYS A 20 -32.88 8.36 -4.00
C CYS A 20 -32.55 9.82 -3.76
N TRP A 21 -32.34 10.58 -4.84
CA TRP A 21 -32.35 12.04 -4.77
C TRP A 21 -32.88 12.60 -6.07
N LYS A 22 -33.78 13.58 -5.99
CA LYS A 22 -34.22 14.22 -7.22
C LYS A 22 -33.02 14.84 -7.94
N PRO A 23 -33.06 14.94 -9.29
CA PRO A 23 -31.85 15.34 -10.03
C PRO A 23 -31.30 16.68 -9.56
N GLY A 24 -30.09 17.00 -10.01
CA GLY A 24 -29.48 18.30 -9.78
C GLY A 24 -29.16 18.52 -8.32
N GLN A 25 -29.98 17.90 -7.45
CA GLN A 25 -29.82 17.91 -6.01
C GLN A 25 -28.48 17.27 -5.64
N LYS A 26 -28.04 17.52 -4.41
CA LYS A 26 -26.78 16.98 -3.92
C LYS A 26 -26.95 15.54 -3.48
N VAL A 27 -26.00 14.69 -3.87
CA VAL A 27 -26.03 13.26 -3.57
C VAL A 27 -25.96 13.00 -2.07
N PRO A 28 -26.98 12.38 -1.47
CA PRO A 28 -26.91 12.09 -0.02
C PRO A 28 -25.75 11.16 0.31
N TYR A 29 -25.22 11.30 1.52
CA TYR A 29 -24.18 10.35 1.88
C TYR A 29 -24.81 9.00 2.10
N LEU A 30 -26.11 9.00 2.45
CA LEU A 30 -26.75 7.74 2.76
C LEU A 30 -26.81 6.84 1.53
N ALA A 31 -26.91 7.42 0.34
CA ALA A 31 -26.74 6.64 -0.88
C ALA A 31 -25.43 5.86 -0.83
N VAL A 32 -24.32 6.60 -0.70
CA VAL A 32 -23.01 5.99 -0.56
C VAL A 32 -23.05 4.92 0.53
N ALA A 33 -23.39 5.32 1.77
CA ALA A 33 -23.45 4.31 2.84
C ALA A 33 -24.26 3.08 2.44
N ARG A 34 -25.38 3.29 1.76
N ARG A 34 -25.38 3.28 1.74
CA ARG A 34 -26.16 2.17 1.26
CA ARG A 34 -26.14 2.12 1.30
C ARG A 34 -25.36 1.37 0.23
C ARG A 34 -25.39 1.34 0.21
N THR A 35 -24.80 2.04 -0.77
CA THR A 35 -23.97 1.35 -1.76
C THR A 35 -22.93 0.47 -1.07
N PHE A 36 -22.01 1.10 -0.35
CA PHE A 36 -21.13 0.40 0.57
C PHE A 36 -21.81 -0.74 1.33
N GLU A 37 -23.05 -0.51 1.79
CA GLU A 37 -23.72 -1.54 2.56
C GLU A 37 -23.99 -2.76 1.68
N LYS A 38 -24.57 -2.55 0.51
CA LYS A 38 -24.82 -3.65 -0.39
C LYS A 38 -23.55 -4.29 -0.94
N ILE A 39 -22.41 -3.58 -0.88
CA ILE A 39 -21.16 -4.18 -1.33
C ILE A 39 -20.62 -5.11 -0.27
N GLU A 40 -20.44 -4.59 0.94
CA GLU A 40 -20.00 -5.38 2.08
C GLU A 40 -20.83 -6.65 2.28
N GLU A 41 -22.01 -6.78 1.64
CA GLU A 41 -22.88 -7.92 1.88
C GLU A 41 -22.66 -9.08 0.93
N VAL A 42 -21.99 -8.86 -0.20
CA VAL A 42 -21.57 -9.99 -1.00
C VAL A 42 -20.06 -10.08 -0.91
N SER A 43 -19.49 -11.16 -1.44
CA SER A 43 -18.08 -11.35 -1.43
C SER A 43 -17.51 -11.60 -2.80
N ALA A 44 -18.34 -11.52 -3.81
CA ALA A 44 -17.91 -11.72 -5.17
C ALA A 44 -17.65 -10.42 -5.88
N ARG A 45 -16.38 -10.09 -6.10
CA ARG A 45 -15.92 -8.87 -6.76
C ARG A 45 -16.81 -8.47 -7.93
N LEU A 46 -17.31 -9.44 -8.69
CA LEU A 46 -17.98 -9.07 -9.92
C LEU A 46 -19.34 -8.45 -9.62
N ARG A 47 -20.02 -8.95 -8.58
CA ARG A 47 -21.21 -8.27 -8.09
C ARG A 47 -20.85 -6.88 -7.58
N MET A 48 -19.87 -6.81 -6.66
CA MET A 48 -19.51 -5.55 -6.01
C MET A 48 -19.32 -4.43 -7.04
N VAL A 49 -18.66 -4.74 -8.18
CA VAL A 49 -18.36 -3.72 -9.19
C VAL A 49 -19.63 -3.24 -9.86
N GLU A 50 -20.60 -4.13 -10.09
CA GLU A 50 -21.86 -3.66 -10.67
C GLU A 50 -22.63 -2.78 -9.71
N THR A 51 -22.70 -3.21 -8.44
CA THR A 51 -23.46 -2.46 -7.46
C THR A 51 -22.88 -1.05 -7.27
N LEU A 52 -21.55 -0.94 -7.28
CA LEU A 52 -20.95 0.39 -7.27
C LEU A 52 -21.32 1.13 -8.54
N SER A 53 -21.23 0.42 -9.66
CA SER A 53 -21.48 1.07 -10.95
C SER A 53 -22.88 1.65 -11.01
N ASN A 54 -23.83 1.08 -10.26
CA ASN A 54 -25.20 1.60 -10.23
C ASN A 54 -25.27 3.00 -9.60
N LEU A 55 -24.80 3.14 -8.35
CA LEU A 55 -24.58 4.44 -7.74
C LEU A 55 -23.91 5.41 -8.69
N LEU A 56 -22.77 5.00 -9.27
CA LEU A 56 -22.06 5.89 -10.18
C LEU A 56 -22.95 6.28 -11.36
N ARG A 57 -23.68 5.31 -11.92
CA ARG A 57 -24.54 5.58 -13.07
C ARG A 57 -25.49 6.70 -12.76
N SER A 58 -26.24 6.56 -11.66
CA SER A 58 -27.09 7.66 -11.22
C SER A 58 -26.30 8.96 -11.09
N VAL A 59 -25.23 8.93 -10.30
CA VAL A 59 -24.44 10.14 -10.11
C VAL A 59 -24.11 10.78 -11.46
N VAL A 60 -23.63 9.99 -12.42
CA VAL A 60 -23.36 10.56 -13.73
C VAL A 60 -24.64 11.07 -14.37
N ALA A 61 -25.76 10.41 -14.09
CA ALA A 61 -27.01 10.81 -14.72
C ALA A 61 -27.50 12.11 -14.11
N LEU A 62 -27.81 12.10 -12.83
CA LEU A 62 -28.39 13.26 -12.16
C LEU A 62 -27.31 14.33 -11.89
N SER A 63 -26.33 14.02 -11.04
CA SER A 63 -25.53 15.02 -10.38
C SER A 63 -24.12 14.68 -10.89
N PRO A 64 -23.72 15.21 -12.03
CA PRO A 64 -22.34 15.02 -12.48
C PRO A 64 -21.30 15.75 -11.61
N PRO A 65 -21.59 16.93 -11.05
CA PRO A 65 -20.58 17.56 -10.19
C PRO A 65 -20.13 16.72 -9.02
N ASP A 66 -20.90 15.75 -8.57
CA ASP A 66 -20.55 14.93 -7.42
C ASP A 66 -19.77 13.67 -7.81
N LEU A 67 -19.45 13.50 -9.09
CA LEU A 67 -18.75 12.28 -9.47
C LEU A 67 -17.40 12.18 -8.74
N LEU A 68 -16.59 13.23 -8.80
CA LEU A 68 -15.28 13.13 -8.16
C LEU A 68 -15.36 12.82 -6.68
N PRO A 69 -16.11 13.54 -5.86
CA PRO A 69 -16.13 13.17 -4.44
C PRO A 69 -16.54 11.72 -4.27
N VAL A 70 -17.53 11.28 -5.02
CA VAL A 70 -18.03 9.92 -4.82
C VAL A 70 -16.94 8.89 -5.08
N LEU A 71 -16.13 9.12 -6.10
CA LEU A 71 -15.05 8.18 -6.33
C LEU A 71 -14.04 8.26 -5.19
N TYR A 72 -13.65 9.49 -4.79
CA TYR A 72 -12.66 9.62 -3.72
C TYR A 72 -13.17 9.00 -2.44
N LEU A 73 -14.45 9.18 -2.14
CA LEU A 73 -15.04 8.54 -0.97
C LEU A 73 -14.91 7.03 -1.08
N SER A 74 -15.17 6.48 -2.27
CA SER A 74 -15.13 5.03 -2.38
C SER A 74 -13.68 4.53 -2.30
N LEU A 75 -12.71 5.33 -2.76
CA LEU A 75 -11.31 4.95 -2.60
C LEU A 75 -10.81 5.18 -1.19
N ASN A 76 -11.57 5.91 -0.36
CA ASN A 76 -11.10 6.38 0.94
C ASN A 76 -9.83 7.17 0.78
N HIS A 77 -9.68 7.88 -0.32
CA HIS A 77 -8.59 8.81 -0.48
C HIS A 77 -9.07 10.24 -0.33
N LEU A 78 -8.10 11.14 -0.23
CA LEU A 78 -8.39 12.55 -0.06
C LEU A 78 -8.15 13.34 -1.34
N GLY A 79 -7.58 12.72 -2.37
CA GLY A 79 -7.19 13.47 -3.54
C GLY A 79 -6.00 12.85 -4.24
N PRO A 80 -5.46 13.52 -5.25
CA PRO A 80 -4.29 13.00 -5.94
C PRO A 80 -3.18 12.61 -4.96
N PRO A 81 -2.46 11.54 -5.25
CA PRO A 81 -1.39 11.13 -4.31
C PRO A 81 -0.28 12.15 -4.17
N GLN A 82 0.11 12.85 -5.23
CA GLN A 82 1.33 13.64 -5.13
C GLN A 82 1.14 14.89 -4.30
N GLN A 83 -0.07 15.14 -3.81
CA GLN A 83 -0.30 16.31 -2.96
C GLN A 83 -0.11 15.99 -1.48
N GLY A 84 0.01 14.72 -1.12
CA GLY A 84 0.36 14.39 0.24
C GLY A 84 -0.63 14.77 1.32
N LEU A 85 -1.89 14.96 1.01
CA LEU A 85 -2.91 15.11 2.05
C LEU A 85 -2.95 13.85 2.93
N ALA A 86 -3.32 14.04 4.19
CA ALA A 86 -3.39 12.95 5.16
C ALA A 86 -4.27 13.39 6.29
N LEU A 87 -5.15 12.47 6.76
CA LEU A 87 -6.11 12.83 7.79
C LEU A 87 -5.42 13.23 9.07
N GLY A 88 -4.39 12.50 9.46
CA GLY A 88 -3.80 12.77 10.76
C GLY A 88 -4.80 12.47 11.86
N VAL A 89 -5.62 11.46 11.67
CA VAL A 89 -6.60 11.03 12.66
C VAL A 89 -6.35 9.56 12.92
N GLY A 90 -6.18 9.21 14.19
CA GLY A 90 -5.92 7.84 14.57
C GLY A 90 -7.13 7.22 15.25
N ASP A 91 -6.94 5.95 15.67
CA ASP A 91 -7.93 5.31 16.54
C ASP A 91 -8.05 6.07 17.86
N GLY A 92 -6.92 6.50 18.43
CA GLY A 92 -6.94 7.26 19.68
C GLY A 92 -7.91 8.43 19.67
N VAL A 93 -7.69 9.34 18.70
CA VAL A 93 -8.56 10.51 18.52
C VAL A 93 -9.97 10.06 18.18
N LEU A 94 -10.11 9.31 17.08
CA LEU A 94 -11.39 8.87 16.57
C LEU A 94 -12.30 8.45 17.72
N LEU A 95 -11.71 7.75 18.70
CA LEU A 95 -12.43 7.33 19.89
C LEU A 95 -12.87 8.52 20.73
N LYS A 96 -11.92 9.38 21.13
CA LYS A 96 -12.25 10.61 21.84
C LYS A 96 -13.44 11.28 21.19
N ALA A 97 -13.41 11.34 19.86
CA ALA A 97 -14.50 11.93 19.11
C ALA A 97 -15.80 11.17 19.31
N VAL A 98 -15.74 9.82 19.29
CA VAL A 98 -16.96 9.05 19.46
C VAL A 98 -17.47 9.20 20.88
N ALA A 99 -16.58 9.03 21.87
CA ALA A 99 -16.96 9.17 23.27
C ALA A 99 -17.65 10.51 23.50
N GLN A 100 -17.04 11.59 23.05
CA GLN A 100 -17.68 12.88 23.16
C GLN A 100 -18.98 12.93 22.38
N ALA A 101 -19.07 12.18 21.28
CA ALA A 101 -20.28 12.23 20.48
C ALA A 101 -21.46 11.53 21.15
N THR A 102 -21.20 10.59 22.06
CA THR A 102 -22.25 9.80 22.69
C THR A 102 -22.37 10.04 24.19
N GLY A 103 -21.26 10.06 24.92
CA GLY A 103 -21.28 10.32 26.35
C GLY A 103 -20.24 9.54 27.15
N ARG A 104 -19.94 8.31 26.71
CA ARG A 104 -19.32 7.35 27.61
C ARG A 104 -17.85 7.68 27.90
N GLN A 105 -17.28 6.89 28.82
CA GLN A 105 -15.87 7.00 29.16
C GLN A 105 -15.00 6.67 27.96
N LEU A 106 -13.83 7.32 27.90
CA LEU A 106 -12.85 7.00 26.87
C LEU A 106 -12.44 5.53 26.94
N GLU A 107 -12.08 5.05 28.13
CA GLU A 107 -11.78 3.62 28.24
C GLU A 107 -13.04 2.76 28.07
N SER A 108 -14.22 3.30 28.37
CA SER A 108 -15.45 2.57 28.09
C SER A 108 -15.55 2.22 26.61
N VAL A 109 -15.67 3.24 25.77
CA VAL A 109 -15.84 2.98 24.34
C VAL A 109 -14.58 2.33 23.76
N ARG A 110 -13.40 2.60 24.35
CA ARG A 110 -12.19 1.92 23.92
C ARG A 110 -12.34 0.42 24.05
N ALA A 111 -12.88 -0.02 25.20
CA ALA A 111 -13.15 -1.45 25.41
C ALA A 111 -14.05 -1.99 24.31
N GLU A 112 -15.16 -1.30 24.04
CA GLU A 112 -16.05 -1.75 22.97
C GLU A 112 -15.31 -1.90 21.65
N ALA A 113 -14.22 -1.16 21.46
CA ALA A 113 -13.51 -1.18 20.18
C ALA A 113 -12.63 -2.43 20.03
N ALA A 114 -11.85 -2.75 21.05
CA ALA A 114 -10.80 -3.77 20.92
C ALA A 114 -11.34 -5.20 21.04
N GLU A 115 -12.63 -5.38 21.37
CA GLU A 115 -13.23 -6.70 21.38
C GLU A 115 -14.42 -6.80 20.43
N LYS A 116 -14.74 -5.73 19.70
CA LYS A 116 -15.47 -5.82 18.45
C LYS A 116 -14.54 -5.77 17.24
N GLY A 117 -13.35 -5.19 17.39
CA GLY A 117 -12.38 -5.14 16.31
C GLY A 117 -12.67 -4.14 15.21
N ASP A 118 -13.34 -3.04 15.54
CA ASP A 118 -13.89 -2.16 14.52
C ASP A 118 -14.56 -0.97 15.18
N VAL A 119 -14.16 0.25 14.83
CA VAL A 119 -14.76 1.39 15.51
C VAL A 119 -16.09 1.75 14.87
N GLY A 120 -16.29 1.34 13.62
CA GLY A 120 -17.47 1.79 12.89
C GLY A 120 -18.75 1.41 13.59
N LEU A 121 -18.77 0.22 14.19
CA LEU A 121 -19.96 -0.28 14.87
C LEU A 121 -19.99 0.09 16.34
N VAL A 122 -18.87 0.54 16.92
CA VAL A 122 -18.94 1.28 18.17
C VAL A 122 -19.63 2.61 17.95
N ALA A 123 -19.22 3.30 16.88
CA ALA A 123 -19.82 4.56 16.49
C ALA A 123 -21.35 4.48 16.46
N GLU A 124 -21.89 3.56 15.66
CA GLU A 124 -23.31 3.72 15.31
C GLU A 124 -24.25 3.04 16.31
N ASN A 125 -23.86 1.88 16.84
CA ASN A 125 -24.69 1.19 17.85
C ASN A 125 -24.95 2.09 19.05
N SER A 126 -23.94 2.83 19.48
CA SER A 126 -24.13 3.80 20.53
C SER A 126 -25.12 4.87 20.09
N ARG A 127 -26.04 5.24 20.98
CA ARG A 127 -26.78 6.48 20.80
C ARG A 127 -25.81 7.63 21.07
N ARG A 131 -26.45 14.55 20.23
CA ARG A 131 -27.35 14.41 19.09
C ARG A 131 -28.72 14.93 19.46
N LEU A 132 -29.04 16.06 18.87
CA LEU A 132 -30.06 16.94 19.41
C LEU A 132 -31.45 16.32 19.23
N MET A 133 -32.41 16.89 19.97
CA MET A 133 -33.80 16.82 19.57
C MET A 133 -33.94 17.10 18.10
N LEU A 134 -33.15 18.04 17.58
CA LEU A 134 -33.07 18.21 16.15
C LEU A 134 -32.11 17.19 15.57
N PRO A 135 -32.54 16.39 14.60
CA PRO A 135 -31.58 15.83 13.68
C PRO A 135 -31.05 16.94 12.79
N PRO A 136 -29.76 17.24 12.84
CA PRO A 136 -29.16 18.15 11.86
C PRO A 136 -29.49 17.71 10.46
N PRO A 137 -29.58 18.65 9.52
CA PRO A 137 -29.98 18.28 8.17
C PRO A 137 -29.03 17.26 7.61
N PRO A 138 -29.52 16.34 6.79
CA PRO A 138 -28.80 15.09 6.55
C PRO A 138 -27.53 15.31 5.75
N LEU A 139 -26.56 14.42 5.95
CA LEU A 139 -25.22 14.59 5.39
C LEU A 139 -25.22 14.34 3.89
N THR A 140 -24.42 15.10 3.18
CA THR A 140 -24.28 14.93 1.75
C THR A 140 -22.87 14.43 1.40
N ALA A 141 -22.73 13.84 0.22
CA ALA A 141 -21.44 13.28 -0.15
C ALA A 141 -20.41 14.39 -0.39
N SER A 142 -20.79 15.44 -1.13
CA SER A 142 -19.89 16.57 -1.32
C SER A 142 -19.40 17.12 0.01
N GLY A 143 -20.29 17.18 0.99
CA GLY A 143 -19.97 17.81 2.25
C GLY A 143 -19.07 16.91 3.05
N VAL A 144 -19.43 15.64 3.10
CA VAL A 144 -18.66 14.75 3.94
C VAL A 144 -17.29 14.62 3.34
N PHE A 145 -17.17 14.70 2.02
CA PHE A 145 -15.83 14.69 1.47
C PHE A 145 -15.07 15.93 1.91
N SER A 146 -15.71 17.07 1.78
CA SER A 146 -15.04 18.31 2.08
C SER A 146 -14.83 18.50 3.56
N LYS A 147 -15.52 17.72 4.40
CA LYS A 147 -15.17 17.75 5.80
C LYS A 147 -13.93 16.90 6.07
N PHE A 148 -13.66 15.93 5.19
CA PHE A 148 -12.41 15.20 5.29
C PHE A 148 -11.23 16.12 5.03
N ARG A 149 -11.14 16.69 3.82
CA ARG A 149 -10.07 17.63 3.50
C ARG A 149 -9.94 18.70 4.59
N ASP A 150 -11.07 19.14 5.17
CA ASP A 150 -10.99 20.10 6.27
C ASP A 150 -10.21 19.52 7.42
N ILE A 151 -10.45 18.24 7.73
CA ILE A 151 -9.68 17.62 8.79
C ILE A 151 -8.22 17.50 8.36
N ALA A 152 -7.97 17.33 7.06
CA ALA A 152 -6.60 17.06 6.66
C ALA A 152 -5.77 18.34 6.57
N ARG A 153 -6.41 19.50 6.52
CA ARG A 153 -5.65 20.72 6.42
C ARG A 153 -5.26 21.27 7.78
N LEU A 154 -6.08 21.04 8.81
CA LEU A 154 -5.80 21.57 10.13
C LEU A 154 -4.46 21.07 10.61
N THR A 155 -3.61 21.99 11.06
CA THR A 155 -2.30 21.69 11.65
C THR A 155 -1.95 22.79 12.63
N GLY A 156 -0.96 22.51 13.50
CA GLY A 156 -0.49 23.46 14.49
C GLY A 156 -1.07 23.22 15.88
N SER A 157 -0.80 24.17 16.77
CA SER A 157 -1.21 24.05 18.16
C SER A 157 -2.72 24.00 18.23
N ALA A 158 -3.24 23.14 19.11
CA ALA A 158 -4.69 22.91 19.26
C ALA A 158 -5.33 22.46 17.95
N SER A 159 -4.59 21.81 17.06
CA SER A 159 -5.23 21.33 15.85
C SER A 159 -6.05 20.08 16.14
N THR A 160 -5.60 19.22 17.06
CA THR A 160 -6.33 18.00 17.33
C THR A 160 -7.73 18.28 17.86
N ALA A 161 -7.86 19.25 18.78
CA ALA A 161 -9.16 19.70 19.21
C ALA A 161 -10.09 19.97 18.03
N LYS A 162 -9.62 20.77 17.07
CA LYS A 162 -10.47 21.12 15.95
C LYS A 162 -10.79 19.88 15.12
N LYS A 163 -9.80 18.99 14.96
CA LYS A 163 -10.00 17.73 14.27
C LYS A 163 -11.13 16.94 14.91
N ILE A 164 -11.03 16.68 16.21
CA ILE A 164 -12.11 16.01 16.92
C ILE A 164 -13.43 16.70 16.67
N ASP A 165 -13.42 18.04 16.73
CA ASP A 165 -14.66 18.78 16.77
C ASP A 165 -15.44 18.61 15.47
N ILE A 166 -14.74 18.43 14.35
CA ILE A 166 -15.46 18.19 13.12
C ILE A 166 -16.04 16.80 13.14
N ILE A 167 -15.36 15.88 13.83
CA ILE A 167 -15.81 14.50 13.75
C ILE A 167 -17.07 14.32 14.57
N LYS A 168 -17.15 14.99 15.73
CA LYS A 168 -18.40 15.02 16.50
C LYS A 168 -19.54 15.50 15.62
N GLY A 169 -19.30 16.51 14.81
CA GLY A 169 -20.30 17.00 13.89
C GLY A 169 -20.81 15.91 12.97
N LEU A 170 -19.95 15.45 12.06
CA LEU A 170 -20.31 14.33 11.20
C LEU A 170 -21.11 13.29 11.96
N PHE A 171 -20.62 12.86 13.13
CA PHE A 171 -21.27 11.75 13.83
C PHE A 171 -22.70 12.09 14.21
N VAL A 172 -22.90 13.16 14.98
CA VAL A 172 -24.24 13.47 15.45
C VAL A 172 -25.19 13.77 14.30
N ALA A 173 -24.67 14.09 13.10
CA ALA A 173 -25.52 14.22 11.92
C ALA A 173 -25.73 12.90 11.16
N CYS A 174 -25.13 11.80 11.60
CA CYS A 174 -25.25 10.56 10.86
C CYS A 174 -26.59 9.88 11.11
N ARG A 175 -27.15 9.31 10.04
CA ARG A 175 -28.32 8.45 10.14
C ARG A 175 -27.98 7.02 9.74
N HIS A 176 -28.58 6.07 10.44
CA HIS A 176 -28.55 4.66 10.07
C HIS A 176 -27.10 4.22 10.04
N SER A 177 -26.57 3.77 8.90
CA SER A 177 -25.25 3.16 8.77
C SER A 177 -24.14 4.16 8.43
N GLU A 178 -24.48 5.44 8.22
CA GLU A 178 -23.44 6.43 7.91
C GLU A 178 -22.36 6.46 8.97
N ALA A 179 -22.76 6.58 10.24
CA ALA A 179 -21.80 6.67 11.33
C ALA A 179 -20.78 5.54 11.33
N ARG A 180 -21.06 4.44 10.63
CA ARG A 180 -20.12 3.33 10.62
C ARG A 180 -19.05 3.49 9.55
N PHE A 181 -19.45 3.81 8.30
CA PHE A 181 -18.48 3.99 7.21
C PHE A 181 -17.73 5.30 7.33
N ILE A 182 -18.30 6.27 8.02
CA ILE A 182 -17.57 7.50 8.33
C ILE A 182 -16.49 7.20 9.33
N ALA A 183 -16.83 6.46 10.36
CA ALA A 183 -15.83 6.05 11.34
C ALA A 183 -14.72 5.22 10.67
N ARG A 184 -15.08 4.35 9.73
CA ARG A 184 -14.11 3.46 9.11
CA ARG A 184 -14.09 3.47 9.15
C ARG A 184 -13.15 4.23 8.21
N SER A 185 -13.70 5.13 7.37
CA SER A 185 -12.83 5.93 6.51
C SER A 185 -11.81 6.69 7.33
N LEU A 186 -12.27 7.43 8.35
CA LEU A 186 -11.36 8.26 9.10
C LEU A 186 -10.33 7.40 9.80
N SER A 187 -10.67 6.18 10.16
CA SER A 187 -9.61 5.37 10.73
C SER A 187 -8.68 4.79 9.69
N GLY A 188 -8.84 5.13 8.41
CA GLY A 188 -8.04 4.57 7.35
C GLY A 188 -8.33 3.13 6.98
N ARG A 189 -9.25 2.44 7.66
CA ARG A 189 -9.58 1.04 7.32
C ARG A 189 -11.00 0.97 6.76
N LEU A 190 -11.20 1.57 5.57
CA LEU A 190 -12.52 1.45 4.95
C LEU A 190 -12.84 0.00 4.71
N ARG A 191 -11.84 -0.79 4.32
CA ARG A 191 -11.96 -2.23 4.10
C ARG A 191 -13.27 -2.54 3.39
N LEU A 192 -13.43 -1.87 2.25
CA LEU A 192 -14.59 -2.01 1.37
C LEU A 192 -14.62 -3.35 0.65
N GLY A 193 -13.49 -3.81 0.17
CA GLY A 193 -13.48 -5.02 -0.60
C GLY A 193 -13.12 -4.73 -2.04
N LEU A 194 -13.32 -3.47 -2.42
CA LEU A 194 -12.96 -3.00 -3.78
C LEU A 194 -11.91 -1.92 -3.59
N ALA A 195 -10.93 -1.86 -4.48
CA ALA A 195 -9.95 -0.83 -4.41
C ALA A 195 -9.78 -0.14 -5.72
N GLU A 196 -8.63 0.43 -5.91
CA GLU A 196 -8.37 1.26 -7.05
C GLU A 196 -8.68 0.68 -8.37
N GLN A 197 -8.55 -0.62 -8.44
CA GLN A 197 -8.82 -1.40 -9.64
C GLN A 197 -10.32 -1.53 -9.88
N SER A 198 -11.04 -2.02 -8.87
CA SER A 198 -12.47 -2.24 -9.03
C SER A 198 -13.24 -0.92 -9.13
N VAL A 199 -12.93 0.06 -8.28
CA VAL A 199 -13.51 1.40 -8.48
C VAL A 199 -13.30 1.84 -9.91
N LEU A 200 -12.13 1.56 -10.49
CA LEU A 200 -11.96 1.86 -11.89
C LEU A 200 -12.88 1.00 -12.74
N ALA A 201 -12.96 -0.31 -12.46
CA ALA A 201 -13.90 -1.13 -13.21
C ALA A 201 -15.31 -0.57 -13.12
N ALA A 202 -15.76 -0.23 -11.90
CA ALA A 202 -17.13 0.23 -11.77
C ALA A 202 -17.31 1.52 -12.51
N LEU A 203 -16.32 2.40 -12.49
CA LEU A 203 -16.54 3.68 -13.14
C LEU A 203 -16.65 3.50 -14.65
N SER A 204 -15.83 2.61 -15.20
CA SER A 204 -15.85 2.47 -16.66
C SER A 204 -17.12 1.77 -17.12
N GLN A 205 -17.66 0.84 -16.33
CA GLN A 205 -18.96 0.28 -16.62
C GLN A 205 -20.04 1.36 -16.60
N ALA A 206 -19.97 2.27 -15.61
CA ALA A 206 -21.04 3.23 -15.40
C ALA A 206 -21.10 4.26 -16.51
N VAL A 207 -19.96 4.88 -16.88
CA VAL A 207 -20.02 5.81 -18.01
C VAL A 207 -20.28 5.06 -19.31
N SER A 208 -19.89 3.79 -19.40
CA SER A 208 -20.23 3.09 -20.62
C SER A 208 -21.71 2.72 -20.66
N LEU A 209 -22.28 2.23 -19.55
CA LEU A 209 -23.71 1.94 -19.52
C LEU A 209 -24.56 3.19 -19.70
N THR A 210 -24.21 4.29 -19.00
CA THR A 210 -25.07 5.46 -18.90
C THR A 210 -24.29 6.71 -19.33
N PRO A 211 -23.97 6.82 -20.62
CA PRO A 211 -22.90 7.74 -21.08
C PRO A 211 -23.09 9.15 -20.61
N PRO A 212 -22.02 9.86 -20.26
CA PRO A 212 -22.15 11.13 -19.57
C PRO A 212 -22.47 12.28 -20.52
N GLY A 213 -22.76 13.44 -19.93
CA GLY A 213 -23.02 14.62 -20.71
C GLY A 213 -24.37 14.64 -21.39
N GLN A 214 -25.30 13.80 -20.95
CA GLN A 214 -26.61 13.77 -21.57
C GLN A 214 -27.50 14.88 -21.00
N GLU A 215 -28.28 15.49 -21.90
CA GLU A 215 -29.26 16.48 -21.50
C GLU A 215 -30.37 15.77 -20.74
N PHE A 216 -30.61 16.19 -19.50
CA PHE A 216 -31.55 15.45 -18.66
C PHE A 216 -32.99 15.74 -19.07
N PRO A 217 -33.90 14.74 -18.96
CA PRO A 217 -33.63 13.31 -18.71
C PRO A 217 -32.87 12.66 -19.84
N PRO A 218 -32.01 11.69 -19.52
CA PRO A 218 -31.14 11.13 -20.55
C PRO A 218 -31.90 10.13 -21.39
N ALA A 219 -31.83 10.29 -22.72
CA ALA A 219 -32.41 9.29 -23.61
C ALA A 219 -31.76 7.93 -23.39
N MET A 220 -30.42 7.90 -23.35
CA MET A 220 -29.61 6.69 -23.23
C MET A 220 -29.21 6.17 -21.85
N VAL A 221 -30.01 5.28 -21.28
CA VAL A 221 -29.97 4.90 -19.88
C VAL A 221 -29.18 3.62 -19.65
N ASP A 222 -29.54 2.55 -20.37
CA ASP A 222 -28.74 1.34 -20.42
C ASP A 222 -28.36 1.40 -21.89
N ALA A 223 -27.09 1.62 -22.19
CA ALA A 223 -26.56 1.41 -23.53
C ALA A 223 -25.99 0.00 -23.73
N GLY A 224 -26.52 -1.02 -23.05
CA GLY A 224 -26.06 -2.37 -23.21
C GLY A 224 -27.18 -3.21 -23.79
N LYS A 225 -28.38 -2.64 -23.95
CA LYS A 225 -29.59 -3.43 -24.18
C LYS A 225 -29.50 -4.26 -25.46
N GLY A 226 -29.10 -3.64 -26.57
CA GLY A 226 -29.10 -4.34 -27.84
C GLY A 226 -28.08 -5.45 -28.02
N LYS A 227 -27.39 -5.88 -26.96
CA LYS A 227 -26.26 -6.78 -27.11
C LYS A 227 -26.55 -8.10 -26.42
N THR A 228 -25.97 -9.18 -26.95
CA THR A 228 -26.03 -10.46 -26.25
C THR A 228 -25.13 -10.43 -25.04
N ALA A 229 -25.28 -11.43 -24.18
CA ALA A 229 -24.35 -11.55 -23.05
C ALA A 229 -22.90 -11.51 -23.53
N GLU A 230 -22.50 -12.44 -24.40
CA GLU A 230 -21.14 -12.46 -24.92
C GLU A 230 -20.74 -11.09 -25.50
N ALA A 231 -21.69 -10.37 -26.13
CA ALA A 231 -21.37 -9.05 -26.68
C ALA A 231 -21.12 -8.04 -25.57
N ARG A 232 -22.12 -7.86 -24.71
CA ARG A 232 -22.06 -6.94 -23.58
C ARG A 232 -20.82 -7.18 -22.70
N LYS A 233 -20.48 -8.42 -22.45
CA LYS A 233 -19.33 -8.70 -21.62
C LYS A 233 -18.01 -8.28 -22.18
N THR A 234 -17.66 -8.71 -23.37
CA THR A 234 -16.35 -8.31 -23.89
C THR A 234 -16.34 -6.88 -24.39
N TRP A 235 -17.53 -6.27 -24.55
CA TRP A 235 -17.60 -4.82 -24.72
C TRP A 235 -17.05 -4.10 -23.48
N LEU A 236 -17.63 -4.41 -22.31
CA LEU A 236 -17.22 -3.74 -21.08
C LEU A 236 -15.74 -3.97 -20.79
N GLU A 237 -15.30 -5.23 -20.88
CA GLU A 237 -13.88 -5.51 -20.67
C GLU A 237 -13.03 -4.64 -21.57
N GLU A 238 -13.47 -4.39 -22.81
CA GLU A 238 -12.70 -3.54 -23.72
C GLU A 238 -12.58 -2.13 -23.18
N GLN A 239 -13.72 -1.52 -22.91
CA GLN A 239 -13.75 -0.17 -22.35
C GLN A 239 -13.05 -0.22 -21.00
N GLY A 240 -13.14 -1.38 -20.34
CA GLY A 240 -12.51 -1.58 -19.05
C GLY A 240 -11.03 -1.31 -19.19
N MET A 241 -10.41 -1.92 -20.19
CA MET A 241 -8.99 -1.72 -20.44
C MET A 241 -8.65 -0.33 -20.98
N ILE A 242 -9.58 0.38 -21.64
CA ILE A 242 -9.30 1.77 -22.00
C ILE A 242 -9.01 2.60 -20.75
N LEU A 243 -9.95 2.57 -19.80
CA LEU A 243 -9.77 3.38 -18.60
C LEU A 243 -8.55 2.94 -17.81
N LYS A 244 -8.43 1.64 -17.57
CA LYS A 244 -7.35 1.17 -16.71
C LYS A 244 -6.00 1.65 -17.23
N GLN A 245 -5.72 1.42 -18.50
CA GLN A 245 -4.39 1.77 -18.96
C GLN A 245 -4.19 3.27 -18.91
N THR A 246 -5.16 4.02 -19.41
CA THR A 246 -5.01 5.48 -19.42
C THR A 246 -4.70 6.01 -18.03
N PHE A 247 -5.44 5.52 -17.03
CA PHE A 247 -5.19 5.88 -15.64
C PHE A 247 -3.76 5.51 -15.21
N CYS A 248 -3.29 4.31 -15.55
CA CYS A 248 -1.89 3.98 -15.24
C CYS A 248 -0.95 5.07 -15.68
N GLU A 249 -1.08 5.54 -16.94
CA GLU A 249 -0.15 6.56 -17.41
C GLU A 249 -0.39 7.89 -16.70
N VAL A 250 -1.63 8.16 -16.28
CA VAL A 250 -2.03 9.45 -15.66
C VAL A 250 -2.93 9.31 -14.44
N PRO A 251 -2.43 8.78 -13.33
CA PRO A 251 -3.29 8.29 -12.22
C PRO A 251 -3.67 9.40 -11.25
N ASP A 252 -4.47 10.32 -11.74
CA ASP A 252 -4.74 11.61 -11.10
C ASP A 252 -6.20 11.86 -11.43
N LEU A 253 -7.10 11.48 -10.53
CA LEU A 253 -8.53 11.60 -10.84
C LEU A 253 -8.91 13.04 -11.16
N ASP A 254 -8.37 14.00 -10.42
CA ASP A 254 -8.75 15.40 -10.61
C ASP A 254 -8.50 15.87 -12.04
N ARG A 255 -7.65 15.17 -12.81
N ARG A 255 -7.63 15.18 -12.78
CA ARG A 255 -7.44 15.51 -14.22
CA ARG A 255 -7.40 15.46 -14.19
C ARG A 255 -8.17 14.56 -15.18
C ARG A 255 -8.31 14.61 -15.08
N ILE A 256 -8.43 13.32 -14.79
CA ILE A 256 -9.15 12.42 -15.67
C ILE A 256 -10.63 12.76 -15.72
N ILE A 257 -11.27 12.86 -14.56
CA ILE A 257 -12.74 12.91 -14.53
C ILE A 257 -13.28 14.07 -15.35
N PRO A 258 -12.75 15.31 -15.23
CA PRO A 258 -13.09 16.34 -16.23
C PRO A 258 -13.01 15.84 -17.66
N VAL A 259 -11.81 15.48 -18.13
CA VAL A 259 -11.63 15.05 -19.51
C VAL A 259 -12.62 13.96 -19.86
N LEU A 260 -12.64 12.90 -19.05
CA LEU A 260 -13.66 11.84 -19.16
C LEU A 260 -15.02 12.43 -19.52
N LEU A 261 -15.51 13.31 -18.65
CA LEU A 261 -16.82 13.90 -18.82
C LEU A 261 -16.95 14.63 -20.15
N GLU A 262 -15.92 15.36 -20.56
CA GLU A 262 -16.16 16.06 -21.83
C GLU A 262 -16.00 15.25 -23.10
N HIS A 263 -14.85 14.70 -23.40
CA HIS A 263 -14.67 14.03 -24.68
C HIS A 263 -15.02 12.54 -24.61
N GLY A 264 -15.44 12.02 -23.44
CA GLY A 264 -15.91 10.66 -23.34
C GLY A 264 -14.80 9.61 -23.28
N LEU A 265 -15.20 8.39 -22.91
CA LEU A 265 -14.20 7.39 -22.55
C LEU A 265 -13.29 7.07 -23.74
N GLU A 266 -13.85 6.69 -24.89
CA GLU A 266 -13.00 6.13 -25.92
C GLU A 266 -11.98 7.12 -26.45
N ARG A 267 -12.19 8.42 -26.25
CA ARG A 267 -11.23 9.37 -26.76
C ARG A 267 -10.21 9.82 -25.71
N LEU A 268 -10.42 9.46 -24.42
CA LEU A 268 -9.53 9.76 -23.30
C LEU A 268 -8.05 9.54 -23.65
N PRO A 269 -7.64 8.35 -24.16
CA PRO A 269 -6.20 8.15 -24.42
C PRO A 269 -5.58 9.12 -25.44
N GLU A 270 -6.31 10.12 -25.96
CA GLU A 270 -5.70 11.11 -26.83
C GLU A 270 -5.68 12.50 -26.20
N HIS A 271 -6.28 12.65 -25.02
CA HIS A 271 -6.17 13.86 -24.22
C HIS A 271 -5.43 13.64 -22.91
N CYS A 272 -5.02 12.41 -22.62
CA CYS A 272 -4.48 12.08 -21.31
C CYS A 272 -3.20 11.31 -21.57
N LYS A 273 -2.15 12.06 -21.83
CA LYS A 273 -0.88 11.50 -22.27
C LYS A 273 0.05 11.33 -21.08
N LEU A 274 0.80 10.22 -21.07
CA LEU A 274 1.81 10.05 -20.05
C LEU A 274 2.72 11.25 -20.10
N SER A 275 2.92 11.90 -18.95
CA SER A 275 3.76 13.09 -18.88
C SER A 275 4.59 13.12 -17.60
N PRO A 276 5.82 13.62 -17.69
CA PRO A 276 6.59 13.92 -16.48
C PRO A 276 5.93 15.02 -15.66
N GLY A 277 6.01 14.87 -14.34
CA GLY A 277 5.41 15.77 -13.38
C GLY A 277 4.25 15.15 -12.63
N ILE A 278 3.86 13.94 -13.02
CA ILE A 278 2.74 13.17 -12.47
C ILE A 278 3.30 11.81 -12.06
N PRO A 279 3.27 11.48 -10.79
CA PRO A 279 3.77 10.19 -10.32
C PRO A 279 3.04 8.94 -10.76
N LEU A 280 3.82 8.01 -11.34
CA LEU A 280 3.26 6.76 -11.89
C LEU A 280 3.53 5.65 -10.89
N LYS A 281 2.76 4.57 -10.95
CA LYS A 281 3.02 3.47 -10.07
C LYS A 281 4.04 2.72 -10.79
N PRO A 282 5.14 2.39 -10.15
CA PRO A 282 6.25 1.69 -10.81
C PRO A 282 5.89 0.25 -11.13
N MET A 283 6.68 -0.32 -12.00
CA MET A 283 6.55 -1.74 -12.31
C MET A 283 7.17 -2.53 -11.17
N LEU A 284 6.60 -3.70 -10.88
CA LEU A 284 7.10 -4.53 -9.79
C LEU A 284 7.48 -5.91 -10.30
N ALA A 285 7.79 -6.83 -9.38
CA ALA A 285 8.08 -8.21 -9.79
C ALA A 285 7.37 -9.25 -8.91
N HIS A 286 7.76 -10.52 -9.12
CA HIS A 286 7.29 -11.76 -8.50
C HIS A 286 8.48 -12.57 -8.04
N PRO A 287 8.40 -13.18 -6.86
CA PRO A 287 9.46 -14.08 -6.42
C PRO A 287 9.57 -15.27 -7.37
N THR A 288 10.73 -15.92 -7.32
CA THR A 288 10.89 -17.24 -7.92
C THR A 288 11.61 -18.18 -6.96
N ARG A 289 11.19 -19.45 -6.99
CA ARG A 289 11.77 -20.46 -6.13
C ARG A 289 13.27 -20.59 -6.40
N GLY A 290 13.67 -20.45 -7.64
CA GLY A 290 15.08 -20.49 -7.94
C GLY A 290 15.29 -20.30 -9.42
N ILE A 291 16.45 -20.75 -9.88
CA ILE A 291 16.77 -20.73 -11.30
C ILE A 291 16.05 -21.89 -12.00
N SER A 292 15.20 -22.59 -11.24
CA SER A 292 14.24 -23.55 -11.79
C SER A 292 13.10 -22.78 -12.43
N GLU A 293 12.28 -22.18 -11.58
CA GLU A 293 11.09 -21.45 -11.99
C GLU A 293 11.40 -20.35 -13.00
N VAL A 294 12.68 -19.98 -13.14
CA VAL A 294 13.04 -18.97 -14.13
C VAL A 294 12.70 -19.48 -15.52
N LEU A 295 13.36 -20.56 -15.94
CA LEU A 295 13.36 -20.92 -17.34
C LEU A 295 12.00 -21.34 -17.88
N LYS A 296 11.00 -21.52 -17.02
CA LYS A 296 9.66 -21.83 -17.51
C LYS A 296 8.78 -20.59 -17.73
N ARG A 297 8.76 -19.67 -16.77
CA ARG A 297 8.00 -18.43 -16.94
C ARG A 297 8.55 -17.62 -18.10
N PHE A 298 9.86 -17.67 -18.32
CA PHE A 298 10.53 -16.94 -19.39
C PHE A 298 10.70 -17.75 -20.67
N GLU A 299 10.94 -19.05 -20.56
CA GLU A 299 10.86 -19.99 -21.69
C GLU A 299 11.88 -19.61 -22.76
N GLU A 300 11.41 -19.21 -23.94
CA GLU A 300 12.32 -18.83 -25.02
C GLU A 300 12.43 -17.32 -25.18
N ALA A 301 13.17 -16.68 -24.29
CA ALA A 301 13.36 -15.24 -24.33
C ALA A 301 14.60 -14.81 -23.55
N ALA A 302 15.53 -14.16 -24.23
CA ALA A 302 16.75 -13.69 -23.59
C ALA A 302 16.41 -12.74 -22.46
N PHE A 303 17.09 -12.89 -21.32
CA PHE A 303 16.82 -12.04 -20.17
C PHE A 303 18.11 -11.42 -19.69
N THR A 304 17.97 -10.35 -18.92
CA THR A 304 19.10 -9.73 -18.25
C THR A 304 19.03 -10.05 -16.76
N CYS A 305 20.13 -9.77 -16.07
CA CYS A 305 20.24 -10.00 -14.64
C CYS A 305 20.78 -8.73 -14.00
N GLU A 306 20.04 -8.20 -13.03
CA GLU A 306 20.40 -6.97 -12.33
C GLU A 306 20.45 -7.21 -10.82
N TYR A 307 21.39 -6.53 -10.16
CA TYR A 307 21.47 -6.51 -8.71
C TYR A 307 20.17 -6.05 -8.10
N LYS A 308 19.78 -6.70 -7.00
CA LYS A 308 18.62 -6.26 -6.22
C LYS A 308 19.14 -5.28 -5.16
N TYR A 309 18.66 -4.04 -5.21
CA TYR A 309 19.24 -2.99 -4.40
C TYR A 309 18.41 -2.72 -3.16
N ASP A 310 19.08 -2.67 -2.01
CA ASP A 310 18.42 -2.54 -0.72
C ASP A 310 18.25 -1.07 -0.36
N GLY A 311 17.46 -0.37 -1.16
CA GLY A 311 17.27 1.04 -0.92
C GLY A 311 15.83 1.45 -1.12
N GLN A 312 15.63 2.73 -1.46
CA GLN A 312 14.30 3.22 -1.77
C GLN A 312 14.15 3.40 -3.26
N ARG A 313 13.05 2.90 -3.80
CA ARG A 313 12.75 3.19 -5.18
C ARG A 313 12.38 4.65 -5.27
N ALA A 314 13.01 5.33 -6.21
CA ALA A 314 12.79 6.73 -6.47
C ALA A 314 12.62 6.79 -7.97
N GLN A 315 11.65 7.58 -8.42
CA GLN A 315 11.28 7.71 -9.82
C GLN A 315 11.43 9.19 -10.18
N ILE A 316 12.35 9.50 -11.10
CA ILE A 316 12.84 10.88 -11.23
C ILE A 316 12.26 11.50 -12.48
N HIS A 317 11.50 12.58 -12.30
CA HIS A 317 10.80 13.26 -13.39
C HIS A 317 11.52 14.55 -13.76
N ALA A 318 11.62 14.81 -15.05
CA ALA A 318 12.38 15.97 -15.54
C ALA A 318 11.55 16.64 -16.65
N LEU A 319 10.93 17.77 -16.31
CA LEU A 319 10.05 18.46 -17.25
C LEU A 319 10.86 19.20 -18.32
N GLU A 320 10.18 19.58 -19.41
CA GLU A 320 10.75 20.64 -20.26
C GLU A 320 10.79 21.91 -19.43
N GLY A 321 11.94 22.57 -19.42
CA GLY A 321 12.08 23.76 -18.61
C GLY A 321 12.72 23.53 -17.26
N GLY A 322 13.25 22.34 -17.03
CA GLY A 322 14.16 22.13 -15.94
C GLY A 322 13.54 21.69 -14.64
N GLU A 323 12.27 22.02 -14.37
CA GLU A 323 11.67 21.56 -13.12
C GLU A 323 11.89 20.07 -13.02
N VAL A 324 12.48 19.65 -11.91
CA VAL A 324 12.64 18.24 -11.57
C VAL A 324 11.80 17.99 -10.33
N LYS A 325 11.17 16.82 -10.27
CA LYS A 325 10.45 16.41 -9.08
C LYS A 325 10.75 14.94 -8.87
N ILE A 326 10.80 14.48 -7.61
CA ILE A 326 11.16 13.09 -7.32
C ILE A 326 10.05 12.44 -6.50
N PHE A 327 9.65 11.22 -6.91
CA PHE A 327 8.45 10.55 -6.44
C PHE A 327 8.78 9.14 -5.98
N SER A 328 8.14 8.71 -4.88
CA SER A 328 8.35 7.38 -4.33
C SER A 328 7.45 6.37 -5.04
N ARG A 329 7.47 5.10 -4.58
CA ARG A 329 6.63 4.09 -5.24
C ARG A 329 5.15 4.23 -4.92
N ASN A 330 4.79 4.97 -3.87
CA ASN A 330 3.40 5.29 -3.57
C ASN A 330 2.96 6.58 -4.20
N GLN A 331 3.72 7.14 -5.14
CA GLN A 331 3.39 8.41 -5.78
C GLN A 331 3.45 9.61 -4.84
N ALA A 332 4.03 9.48 -3.66
CA ALA A 332 4.22 10.67 -2.86
C ALA A 332 5.36 11.53 -3.41
N ASP A 333 5.29 12.85 -3.18
CA ASP A 333 6.37 13.71 -3.67
C ASP A 333 7.55 13.57 -2.73
N ASN A 334 8.70 13.16 -3.23
CA ASN A 334 9.83 13.09 -2.32
C ASN A 334 10.89 14.13 -2.62
N THR A 335 10.57 15.10 -3.49
CA THR A 335 11.55 16.09 -3.92
C THR A 335 12.23 16.72 -2.72
N GLY A 336 11.47 17.47 -1.93
CA GLY A 336 12.04 18.11 -0.74
C GLY A 336 12.93 17.22 0.12
N LYS A 337 12.80 15.90 -0.06
CA LYS A 337 13.56 14.96 0.74
C LYS A 337 14.98 14.75 0.21
N TYR A 338 15.26 15.17 -1.03
CA TYR A 338 16.48 14.75 -1.73
C TYR A 338 17.22 15.91 -2.40
N PRO A 339 17.50 17.01 -1.70
CA PRO A 339 18.15 18.15 -2.37
C PRO A 339 19.47 17.80 -3.03
N ASP A 340 20.20 16.84 -2.47
CA ASP A 340 21.48 16.48 -3.06
C ASP A 340 21.31 15.95 -4.47
N ILE A 341 20.19 15.31 -4.76
CA ILE A 341 19.96 14.76 -6.10
C ILE A 341 19.46 15.83 -7.07
N ILE A 342 18.69 16.80 -6.59
CA ILE A 342 18.29 17.90 -7.47
C ILE A 342 19.51 18.64 -7.97
N SER A 343 20.58 18.69 -7.16
CA SER A 343 21.81 19.40 -7.51
C SER A 343 22.67 18.63 -8.50
N ARG A 344 22.74 17.31 -8.39
CA ARG A 344 23.57 16.57 -9.31
C ARG A 344 22.86 16.23 -10.62
N ILE A 345 21.61 16.67 -10.82
CA ILE A 345 20.92 16.41 -12.08
C ILE A 345 21.74 16.85 -13.29
N PRO A 346 22.27 18.07 -13.34
CA PRO A 346 22.99 18.48 -14.56
C PRO A 346 24.20 17.62 -14.86
N LYS A 347 24.75 16.96 -13.83
CA LYS A 347 25.89 16.06 -13.96
C LYS A 347 25.47 14.60 -14.29
N ILE A 348 24.23 14.37 -14.75
CA ILE A 348 23.86 12.99 -15.02
C ILE A 348 23.16 12.82 -16.37
N LYS A 349 22.84 13.94 -17.02
CA LYS A 349 22.28 13.89 -18.36
C LYS A 349 23.24 14.56 -19.33
N LEU A 350 23.39 13.97 -20.52
CA LEU A 350 23.93 14.73 -21.63
C LEU A 350 23.11 16.00 -21.79
N PRO A 351 23.75 17.15 -22.03
CA PRO A 351 22.99 18.38 -22.26
C PRO A 351 22.07 18.33 -23.47
N SER A 352 22.18 17.29 -24.32
CA SER A 352 21.15 17.05 -25.32
C SER A 352 19.78 16.91 -24.66
N VAL A 353 19.71 16.13 -23.57
CA VAL A 353 18.46 15.70 -22.98
C VAL A 353 17.68 16.88 -22.41
N THR A 354 16.43 17.01 -22.84
CA THR A 354 15.55 18.10 -22.43
C THR A 354 14.45 17.67 -21.46
N SER A 355 14.11 16.37 -21.42
CA SER A 355 13.01 15.88 -20.60
C SER A 355 13.18 14.38 -20.40
N PHE A 356 13.04 13.91 -19.15
CA PHE A 356 13.17 12.47 -18.95
C PHE A 356 12.38 12.00 -17.74
N ILE A 357 12.17 10.69 -17.69
CA ILE A 357 11.67 9.97 -16.51
C ILE A 357 12.54 8.73 -16.31
N LEU A 358 13.18 8.64 -15.14
CA LEU A 358 14.16 7.60 -14.84
C LEU A 358 13.68 6.71 -13.72
N ASP A 359 13.88 5.40 -13.87
CA ASP A 359 13.48 4.43 -12.85
C ASP A 359 14.73 3.95 -12.16
N THR A 360 14.93 4.46 -10.94
CA THR A 360 16.18 4.28 -10.21
C THR A 360 15.89 3.87 -8.77
N GLU A 361 16.95 3.69 -7.97
CA GLU A 361 16.82 3.13 -6.62
C GLU A 361 17.86 3.83 -5.72
N ALA A 362 17.45 4.81 -4.93
CA ALA A 362 18.37 5.54 -4.08
C ALA A 362 18.85 4.69 -2.90
N VAL A 363 20.17 4.52 -2.77
CA VAL A 363 20.74 3.67 -1.73
C VAL A 363 21.68 4.47 -0.83
N ALA A 364 21.60 4.20 0.47
CA ALA A 364 22.52 4.84 1.42
C ALA A 364 23.97 4.50 1.06
N TRP A 365 24.83 5.50 1.03
CA TRP A 365 26.16 5.31 0.48
C TRP A 365 27.22 5.99 1.34
N ASP A 366 28.28 5.24 1.64
CA ASP A 366 29.39 5.75 2.43
C ASP A 366 30.47 6.27 1.50
N ARG A 367 30.83 7.54 1.66
CA ARG A 367 31.86 8.15 0.84
C ARG A 367 33.27 7.79 1.31
N GLU A 368 33.47 7.80 2.62
CA GLU A 368 34.76 7.54 3.25
C GLU A 368 35.24 6.16 2.89
N LYS A 369 34.34 5.24 2.53
CA LYS A 369 34.75 3.86 2.30
C LYS A 369 34.26 3.31 0.97
N LYS A 370 33.54 4.11 0.17
CA LYS A 370 33.12 3.72 -1.18
C LYS A 370 32.31 2.41 -1.17
N GLN A 371 31.36 2.29 -0.24
CA GLN A 371 30.56 1.08 -0.12
C GLN A 371 29.15 1.41 0.33
N ILE A 372 28.20 0.50 0.02
CA ILE A 372 26.79 0.72 0.32
C ILE A 372 26.52 0.38 1.78
N GLN A 373 25.75 1.19 2.41
CA GLN A 373 25.28 0.94 3.73
C GLN A 373 23.85 0.43 3.64
N PRO A 374 23.34 -0.36 4.59
CA PRO A 374 22.03 -1.00 4.39
C PRO A 374 20.87 -0.04 4.65
N PHE A 375 19.70 -0.46 4.15
CA PHE A 375 18.49 0.36 4.10
C PHE A 375 18.20 1.05 5.43
N GLN A 376 18.44 0.38 6.56
CA GLN A 376 18.16 0.99 7.86
C GLN A 376 18.87 2.35 8.01
N VAL A 377 20.10 2.46 7.52
CA VAL A 377 20.77 3.75 7.55
C VAL A 377 19.98 4.77 6.73
N LEU A 378 19.64 4.43 5.48
CA LEU A 378 18.93 5.36 4.60
C LEU A 378 17.71 5.96 5.29
N THR A 379 17.01 5.15 6.07
CA THR A 379 15.76 5.61 6.65
C THR A 379 15.97 6.74 7.64
N THR A 380 17.22 7.06 8.02
CA THR A 380 17.47 8.14 8.97
C THR A 380 17.73 9.47 8.26
N ARG A 381 17.39 9.55 6.97
CA ARG A 381 17.36 10.84 6.35
C ARG A 381 16.18 11.66 6.87
N LYS A 382 16.37 12.97 6.92
CA LYS A 382 15.22 13.84 7.09
C LYS A 382 14.30 13.67 5.89
N ARG A 383 12.99 13.64 6.17
CA ARG A 383 11.97 13.73 5.13
C ARG A 383 11.72 15.18 4.75
N LYS A 384 11.43 16.00 5.76
CA LYS A 384 10.94 17.37 5.63
C LYS A 384 11.91 18.19 4.77
N GLU A 385 11.47 19.40 4.43
CA GLU A 385 12.27 20.37 3.65
C GLU A 385 13.71 20.47 4.16
N VAL A 386 14.64 19.94 3.37
CA VAL A 386 16.04 19.90 3.74
C VAL A 386 16.76 21.04 3.07
N ASP A 387 18.00 21.27 3.50
CA ASP A 387 18.97 22.12 2.84
C ASP A 387 20.20 21.27 2.54
N ALA A 388 20.64 21.28 1.28
CA ALA A 388 21.70 20.36 0.84
C ALA A 388 22.95 20.42 1.72
N SER A 389 23.08 21.47 2.53
CA SER A 389 24.22 21.60 3.42
C SER A 389 24.31 20.42 4.38
N GLU A 390 23.20 20.11 5.04
CA GLU A 390 23.20 19.36 6.28
C GLU A 390 22.99 17.86 6.10
N ILE A 391 22.95 17.38 4.86
CA ILE A 391 22.86 15.95 4.60
C ILE A 391 23.96 15.22 5.36
N GLN A 392 23.58 14.39 6.34
CA GLN A 392 24.54 13.48 6.97
C GLN A 392 24.67 12.14 6.24
N VAL A 393 23.61 11.63 5.59
CA VAL A 393 23.62 10.27 5.05
C VAL A 393 23.58 10.34 3.53
N GLN A 394 24.74 10.24 2.89
CA GLN A 394 24.78 10.38 1.43
C GLN A 394 23.98 9.26 0.76
N VAL A 395 23.61 9.50 -0.49
CA VAL A 395 22.72 8.61 -1.23
C VAL A 395 23.28 8.44 -2.63
N CYS A 396 23.35 7.20 -3.11
CA CYS A 396 23.81 6.91 -4.47
C CYS A 396 22.65 6.38 -5.30
N LEU A 397 22.40 7.00 -6.46
CA LEU A 397 21.28 6.61 -7.36
C LEU A 397 21.68 5.47 -8.27
N TYR A 398 20.78 4.52 -8.48
CA TYR A 398 21.06 3.34 -9.29
C TYR A 398 20.01 3.23 -10.36
N ALA A 399 20.28 3.88 -11.45
CA ALA A 399 19.27 4.03 -12.48
C ALA A 399 19.26 2.72 -13.27
N PHE A 400 18.10 2.25 -13.67
CA PHE A 400 18.00 0.94 -14.30
C PHE A 400 16.87 0.88 -15.28
N ASP A 401 16.19 1.98 -15.55
CA ASP A 401 15.27 1.98 -16.66
C ASP A 401 15.00 3.44 -17.03
N LEU A 402 14.29 3.62 -18.14
CA LEU A 402 13.98 4.93 -18.69
C LEU A 402 12.56 4.88 -19.19
N ILE A 403 11.72 5.84 -18.82
CA ILE A 403 10.36 5.87 -19.34
C ILE A 403 10.11 7.02 -20.31
N TYR A 404 10.75 8.16 -20.13
CA TYR A 404 10.53 9.33 -20.96
C TYR A 404 11.86 9.90 -21.44
N LEU A 405 11.92 10.26 -22.71
CA LEU A 405 13.13 10.86 -23.26
C LEU A 405 12.75 11.84 -24.35
N ASN A 406 12.89 13.13 -24.04
CA ASN A 406 12.63 14.22 -24.98
C ASN A 406 11.26 14.29 -25.63
N GLY A 407 10.20 14.38 -24.81
CA GLY A 407 8.84 14.38 -25.29
C GLY A 407 8.23 13.03 -25.60
N GLU A 408 9.01 11.95 -25.66
CA GLU A 408 8.50 10.68 -26.15
C GLU A 408 8.36 9.66 -25.02
N SER A 409 7.26 8.89 -25.07
CA SER A 409 6.99 7.84 -24.08
C SER A 409 7.54 6.52 -24.59
N LEU A 410 8.42 5.88 -23.81
CA LEU A 410 9.01 4.61 -24.18
C LEU A 410 8.26 3.42 -23.55
N VAL A 411 7.02 3.64 -23.11
CA VAL A 411 6.32 2.60 -22.37
C VAL A 411 6.13 1.37 -23.24
N ARG A 412 5.69 1.56 -24.48
CA ARG A 412 5.31 0.43 -25.31
C ARG A 412 6.49 -0.15 -26.07
N GLU A 413 7.71 0.00 -25.58
CA GLU A 413 8.88 -0.43 -26.32
C GLU A 413 9.81 -1.30 -25.47
N PRO A 414 10.53 -2.24 -26.09
CA PRO A 414 11.20 -3.29 -25.31
C PRO A 414 12.39 -2.78 -24.51
N LEU A 415 12.72 -3.56 -23.47
CA LEU A 415 13.73 -3.13 -22.49
C LEU A 415 15.09 -2.91 -23.15
N SER A 416 15.49 -3.79 -24.06
CA SER A 416 16.70 -3.56 -24.84
C SER A 416 16.77 -2.11 -25.29
N ARG A 417 15.71 -1.65 -25.99
CA ARG A 417 15.66 -0.26 -26.42
C ARG A 417 15.77 0.66 -25.23
N ARG A 418 14.89 0.45 -24.23
CA ARG A 418 14.85 1.35 -23.09
C ARG A 418 16.20 1.43 -22.40
N ARG A 419 16.88 0.30 -22.22
CA ARG A 419 18.18 0.39 -21.58
C ARG A 419 19.14 1.17 -22.48
N GLN A 420 19.09 0.91 -23.79
CA GLN A 420 20.05 1.49 -24.72
C GLN A 420 20.05 3.00 -24.62
N LEU A 421 18.87 3.61 -24.69
CA LEU A 421 18.81 5.06 -24.62
C LEU A 421 19.28 5.57 -23.28
N LEU A 422 19.00 4.81 -22.21
CA LEU A 422 19.50 5.19 -20.90
C LEU A 422 21.02 5.17 -20.89
N ARG A 423 21.60 4.08 -21.40
CA ARG A 423 23.05 4.01 -21.47
C ARG A 423 23.63 5.16 -22.26
N GLU A 424 22.87 5.68 -23.25
CA GLU A 424 23.40 6.63 -24.24
C GLU A 424 23.25 8.10 -23.87
N ASN A 425 22.22 8.49 -23.13
CA ASN A 425 22.03 9.92 -22.80
C ASN A 425 22.44 10.29 -21.38
N PHE A 426 22.67 9.32 -20.51
CA PHE A 426 23.01 9.56 -19.12
C PHE A 426 24.41 9.02 -18.84
N VAL A 427 24.97 9.48 -17.71
CA VAL A 427 26.40 9.45 -17.46
C VAL A 427 26.68 8.95 -16.04
N GLU A 428 27.41 7.84 -15.93
CA GLU A 428 27.73 7.29 -14.62
C GLU A 428 28.77 8.14 -13.91
N THR A 429 28.60 8.32 -12.60
CA THR A 429 29.58 8.98 -11.74
C THR A 429 29.59 8.25 -10.40
N GLU A 430 30.67 7.51 -10.14
CA GLU A 430 30.72 6.49 -9.10
C GLU A 430 30.38 7.05 -7.73
N GLY A 431 29.40 6.40 -7.08
CA GLY A 431 28.91 6.78 -5.78
C GLY A 431 28.04 8.01 -5.81
N GLU A 432 27.55 8.41 -6.97
CA GLU A 432 26.50 9.40 -7.11
C GLU A 432 25.39 8.74 -7.91
N PHE A 433 25.74 8.23 -9.07
CA PHE A 433 24.77 7.85 -10.07
C PHE A 433 25.46 6.82 -10.94
N VAL A 434 24.87 5.62 -11.05
CA VAL A 434 25.42 4.58 -11.89
C VAL A 434 24.25 3.79 -12.48
N PHE A 435 24.57 2.90 -13.40
CA PHE A 435 23.59 1.91 -13.82
C PHE A 435 23.66 0.72 -12.87
N ALA A 436 22.58 -0.04 -12.85
CA ALA A 436 22.57 -1.27 -12.09
C ALA A 436 23.73 -2.05 -12.72
N THR A 437 24.60 -2.55 -11.86
CA THR A 437 25.51 -3.66 -12.10
C THR A 437 24.74 -4.86 -12.66
N SER A 438 25.08 -5.28 -13.88
CA SER A 438 24.23 -6.24 -14.58
C SER A 438 25.07 -7.33 -15.23
N LEU A 439 24.35 -8.17 -15.99
CA LEU A 439 24.78 -9.24 -16.89
C LEU A 439 23.56 -9.61 -17.71
N ASP A 440 23.76 -9.89 -18.96
CA ASP A 440 22.70 -10.52 -19.73
C ASP A 440 23.20 -11.89 -20.16
N THR A 441 22.43 -12.92 -19.85
CA THR A 441 22.97 -14.26 -19.98
C THR A 441 21.95 -15.30 -19.59
N LYS A 442 22.22 -16.54 -19.98
CA LYS A 442 21.23 -17.61 -19.90
C LYS A 442 21.81 -18.89 -19.29
N ASP A 443 23.06 -18.88 -18.78
CA ASP A 443 23.72 -20.12 -18.38
C ASP A 443 23.37 -20.46 -16.94
N ILE A 444 22.75 -21.63 -16.77
CA ILE A 444 22.15 -22.10 -15.53
C ILE A 444 23.12 -22.04 -14.36
N GLU A 445 24.41 -21.86 -14.64
CA GLU A 445 25.43 -21.77 -13.59
C GLU A 445 26.06 -20.40 -13.34
N GLN A 446 26.47 -19.70 -14.40
CA GLN A 446 27.14 -18.41 -14.22
C GLN A 446 26.20 -17.36 -13.63
N ILE A 447 24.90 -17.50 -13.89
CA ILE A 447 23.89 -16.73 -13.17
C ILE A 447 24.04 -16.92 -11.66
N ALA A 448 24.04 -18.19 -11.22
CA ALA A 448 24.15 -18.48 -9.80
C ALA A 448 25.45 -17.95 -9.21
N GLU A 449 26.52 -17.86 -10.02
CA GLU A 449 27.74 -17.25 -9.51
C GLU A 449 27.57 -15.75 -9.33
N PHE A 450 26.78 -15.11 -10.20
CA PHE A 450 26.57 -13.63 -10.14
C PHE A 450 25.78 -13.26 -8.88
N LEU A 451 24.80 -14.08 -8.50
CA LEU A 451 24.02 -13.84 -7.25
C LEU A 451 24.99 -13.81 -6.08
N GLU A 452 25.78 -14.86 -5.95
CA GLU A 452 26.78 -14.92 -4.87
C GLU A 452 27.59 -13.63 -4.85
N GLN A 453 27.84 -13.04 -6.03
CA GLN A 453 28.70 -11.87 -5.98
C GLN A 453 27.90 -10.63 -5.60
N SER A 454 26.66 -10.54 -6.07
CA SER A 454 25.74 -9.48 -5.63
C SER A 454 25.62 -9.47 -4.11
N VAL A 455 25.01 -10.52 -3.55
CA VAL A 455 24.81 -10.57 -2.11
C VAL A 455 26.10 -10.29 -1.37
N LYS A 456 27.25 -10.54 -2.01
CA LYS A 456 28.53 -10.07 -1.47
C LYS A 456 28.62 -8.55 -1.47
N ASP A 457 28.12 -7.91 -2.52
CA ASP A 457 28.10 -6.45 -2.57
C ASP A 457 27.14 -5.67 -1.68
N SER A 458 26.48 -6.34 -0.73
CA SER A 458 25.46 -5.69 0.09
C SER A 458 24.19 -5.42 -0.71
N CYS A 459 23.76 -6.40 -1.48
CA CYS A 459 22.53 -6.30 -2.22
C CYS A 459 21.69 -7.51 -1.90
N GLU A 460 20.37 -7.36 -2.03
N GLU A 460 20.38 -7.35 -2.02
CA GLU A 460 19.45 -8.35 -1.53
CA GLU A 460 19.48 -8.39 -1.51
C GLU A 460 19.35 -9.57 -2.43
C GLU A 460 19.41 -9.61 -2.42
N GLY A 461 19.79 -9.48 -3.67
CA GLY A 461 19.75 -10.63 -4.55
C GLY A 461 19.92 -10.32 -6.01
N LEU A 462 18.92 -10.64 -6.81
CA LEU A 462 19.02 -10.44 -8.25
C LEU A 462 17.65 -10.10 -8.80
N MET A 463 17.60 -9.08 -9.65
CA MET A 463 16.44 -8.87 -10.50
C MET A 463 16.73 -9.48 -11.86
N VAL A 464 15.68 -9.98 -12.51
CA VAL A 464 15.85 -10.70 -13.76
C VAL A 464 14.77 -10.24 -14.73
N LYS A 465 15.17 -9.51 -15.78
CA LYS A 465 14.25 -8.79 -16.65
C LYS A 465 14.39 -9.25 -18.11
N THR A 466 13.26 -9.62 -18.73
CA THR A 466 13.30 -9.98 -20.14
C THR A 466 13.69 -8.78 -20.99
N LEU A 467 14.59 -9.01 -21.96
CA LEU A 467 15.12 -7.97 -22.83
C LEU A 467 14.22 -7.64 -24.02
N ASP A 468 13.52 -8.64 -24.58
CA ASP A 468 12.87 -8.49 -25.88
C ASP A 468 11.46 -9.05 -25.98
N VAL A 469 11.11 -10.14 -25.32
CA VAL A 469 9.75 -10.67 -25.40
C VAL A 469 8.90 -10.09 -24.26
N ASP A 470 7.84 -9.38 -24.62
CA ASP A 470 6.89 -8.80 -23.67
C ASP A 470 7.51 -7.69 -22.84
N ALA A 471 8.82 -7.53 -22.97
CA ALA A 471 9.63 -6.59 -22.21
C ALA A 471 9.18 -5.19 -22.64
N THR A 472 7.94 -4.77 -22.34
CA THR A 472 7.49 -3.39 -22.32
C THR A 472 7.05 -3.05 -20.91
N TYR A 473 6.57 -1.81 -20.70
CA TYR A 473 6.38 -1.27 -19.35
C TYR A 473 4.93 -1.19 -18.86
N GLU A 474 3.92 -1.35 -19.74
CA GLU A 474 2.52 -1.01 -19.46
C GLU A 474 1.84 -1.75 -18.28
N ILE A 475 1.62 -1.05 -17.16
CA ILE A 475 1.32 -1.72 -15.89
C ILE A 475 -0.18 -2.00 -15.68
N ALA A 476 -0.96 -1.95 -16.77
CA ALA A 476 -2.39 -2.31 -16.71
C ALA A 476 -2.61 -3.79 -16.99
N LYS A 477 -2.22 -4.26 -18.17
CA LYS A 477 -2.37 -5.67 -18.54
C LYS A 477 -1.59 -6.62 -17.62
N ARG A 478 -0.65 -6.08 -16.83
CA ARG A 478 0.11 -6.79 -15.80
C ARG A 478 0.96 -5.74 -15.08
N SER A 479 1.36 -6.04 -13.84
CA SER A 479 2.19 -5.11 -13.06
C SER A 479 3.27 -5.79 -12.23
N HIS A 480 3.50 -7.11 -12.44
CA HIS A 480 4.60 -7.87 -11.87
C HIS A 480 5.17 -8.78 -12.98
N ASN A 481 6.03 -8.22 -13.84
CA ASN A 481 6.34 -8.91 -15.09
C ASN A 481 7.79 -9.30 -15.30
N TRP A 482 8.72 -8.79 -14.47
CA TRP A 482 10.06 -9.36 -14.22
C TRP A 482 9.99 -10.38 -13.08
N LEU A 483 11.14 -10.95 -12.72
CA LEU A 483 11.24 -11.89 -11.60
C LEU A 483 12.35 -11.47 -10.67
N LYS A 484 12.03 -11.58 -9.37
CA LYS A 484 12.97 -11.27 -8.27
C LYS A 484 13.56 -12.55 -7.72
N LEU A 485 14.83 -12.79 -7.99
CA LEU A 485 15.52 -13.93 -7.39
C LEU A 485 16.20 -13.44 -6.10
N LYS A 486 15.65 -13.84 -4.95
CA LYS A 486 16.09 -13.44 -3.61
C LYS A 486 17.14 -14.43 -3.13
N LYS A 487 17.44 -14.42 -1.83
CA LYS A 487 18.09 -15.54 -1.16
C LYS A 487 17.15 -16.32 -0.24
N ASP A 488 16.21 -15.66 0.46
CA ASP A 488 15.24 -16.30 1.36
C ASP A 488 14.00 -16.84 0.65
N TYR A 489 13.84 -16.60 -0.66
CA TYR A 489 12.76 -17.25 -1.41
C TYR A 489 13.13 -18.69 -1.79
N LEU A 490 14.43 -18.88 -1.98
CA LEU A 490 15.03 -20.16 -2.32
C LEU A 490 14.20 -21.11 -1.47
N GLY A 492 15.30 -23.26 1.06
CA GLY A 492 16.26 -24.10 1.76
C GLY A 492 17.55 -23.39 2.14
N VAL A 493 17.79 -22.24 1.51
CA VAL A 493 18.99 -21.48 1.81
C VAL A 493 18.70 -20.41 2.84
N GLY A 494 17.54 -19.80 2.72
CA GLY A 494 17.10 -18.69 3.56
C GLY A 494 17.21 -19.06 5.03
N ASP A 495 17.77 -18.16 5.85
CA ASP A 495 18.07 -18.52 7.23
C ASP A 495 16.89 -18.12 8.11
N THR A 496 16.22 -19.14 8.63
CA THR A 496 15.08 -19.00 9.50
C THR A 496 15.55 -18.94 10.95
N LEU A 497 14.60 -18.69 11.84
CA LEU A 497 14.85 -18.75 13.26
C LEU A 497 13.76 -19.62 13.87
N ASP A 498 14.08 -20.27 14.98
CA ASP A 498 13.09 -20.95 15.79
C ASP A 498 12.93 -20.16 17.09
N LEU A 499 11.75 -19.56 17.28
CA LEU A 499 11.51 -18.58 18.32
C LEU A 499 10.33 -19.04 19.19
N VAL A 500 10.22 -18.46 20.40
CA VAL A 500 9.27 -18.92 21.41
C VAL A 500 8.07 -17.98 21.50
N VAL A 501 6.87 -18.56 21.65
CA VAL A 501 5.62 -17.81 21.67
C VAL A 501 5.32 -17.49 23.13
N ILE A 502 5.37 -16.22 23.50
CA ILE A 502 5.26 -15.86 24.91
C ILE A 502 3.99 -15.08 25.20
N GLY A 503 3.10 -14.92 24.22
CA GLY A 503 1.89 -14.14 24.40
C GLY A 503 1.08 -14.19 23.12
N ALA A 504 -0.15 -13.67 23.18
CA ALA A 504 -1.02 -13.60 22.00
C ALA A 504 -1.67 -12.22 21.89
N TYR A 505 -2.16 -11.89 20.69
CA TYR A 505 -2.77 -10.59 20.42
C TYR A 505 -4.14 -10.78 19.76
N LEU A 506 -5.13 -10.03 20.26
CA LEU A 506 -6.49 -10.10 19.72
C LEU A 506 -6.56 -9.39 18.40
N GLY A 507 -7.36 -9.94 17.46
CA GLY A 507 -7.38 -9.48 16.09
C GLY A 507 -8.28 -8.27 15.81
N ARG A 508 -8.20 -7.79 14.56
CA ARG A 508 -9.06 -6.75 14.01
C ARG A 508 -9.93 -7.36 12.91
N GLY A 509 -10.94 -6.59 12.47
CA GLY A 509 -12.03 -7.08 11.63
C GLY A 509 -11.64 -8.03 10.54
N LYS A 510 -12.33 -9.17 10.43
CA LYS A 510 -12.00 -10.27 9.53
C LYS A 510 -11.08 -11.18 10.29
N ARG A 511 -10.57 -10.69 11.42
CA ARG A 511 -9.93 -11.56 12.40
C ARG A 511 -10.31 -11.17 13.82
N ALA A 512 -11.23 -10.22 14.00
CA ALA A 512 -11.64 -9.87 15.35
C ALA A 512 -12.27 -11.09 16.03
N GLY A 513 -12.00 -11.23 17.34
CA GLY A 513 -12.54 -12.34 18.11
C GLY A 513 -11.51 -13.41 18.40
N ARG A 514 -10.88 -13.89 17.34
CA ARG A 514 -9.79 -14.84 17.40
C ARG A 514 -8.45 -14.11 17.58
N TYR A 515 -7.40 -14.89 17.89
CA TYR A 515 -6.06 -14.33 18.09
C TYR A 515 -5.49 -13.80 16.78
N GLY A 516 -5.10 -12.52 16.77
CA GLY A 516 -4.66 -11.89 15.55
C GLY A 516 -3.20 -12.07 15.20
N GLY A 517 -2.36 -12.24 16.23
CA GLY A 517 -0.93 -12.35 16.06
C GLY A 517 -0.30 -12.78 17.37
N PHE A 518 1.03 -12.93 17.35
CA PHE A 518 1.75 -13.43 18.52
C PHE A 518 3.02 -12.64 18.73
N LEU A 519 3.48 -12.62 19.99
CA LEU A 519 4.76 -12.03 20.36
C LEU A 519 5.73 -13.16 20.65
N LEU A 520 6.90 -13.14 20.00
CA LEU A 520 7.81 -14.27 20.05
C LEU A 520 9.09 -13.88 20.77
N ALA A 521 9.88 -14.89 21.16
CA ALA A 521 11.06 -14.62 21.96
C ALA A 521 12.15 -15.65 21.66
N SER A 522 13.40 -15.18 21.82
CA SER A 522 14.61 -15.97 21.70
C SER A 522 15.19 -16.22 23.09
N TYR A 523 15.93 -17.32 23.21
CA TYR A 523 16.43 -17.75 24.51
C TYR A 523 17.84 -17.23 24.75
N ASP A 524 18.01 -16.53 25.87
CA ASP A 524 19.28 -15.93 26.26
C ASP A 524 19.93 -16.78 27.34
N GLU A 525 21.01 -17.46 27.00
CA GLU A 525 21.61 -18.39 27.95
C GLU A 525 22.16 -17.67 29.18
N ASP A 526 22.89 -16.58 28.99
CA ASP A 526 23.60 -15.96 30.11
C ASP A 526 22.68 -15.58 31.25
N SER A 527 21.67 -14.76 30.98
CA SER A 527 20.71 -14.37 32.02
C SER A 527 19.59 -15.39 32.23
N GLU A 528 19.56 -16.49 31.46
CA GLU A 528 18.53 -17.53 31.54
C GLU A 528 17.16 -17.03 31.12
N GLU A 529 17.08 -15.91 30.41
CA GLU A 529 15.79 -15.31 30.13
C GLU A 529 15.31 -15.62 28.70
N LEU A 530 14.02 -15.37 28.51
CA LEU A 530 13.43 -15.28 27.19
C LEU A 530 13.24 -13.80 26.88
N GLN A 531 13.85 -13.32 25.79
CA GLN A 531 13.80 -11.91 25.40
C GLN A 531 12.95 -11.76 24.15
N ALA A 532 11.91 -10.93 24.22
CA ALA A 532 10.99 -10.81 23.11
C ALA A 532 11.72 -10.15 21.95
N ILE A 533 11.55 -10.70 20.76
CA ILE A 533 12.34 -10.29 19.61
C ILE A 533 11.51 -9.61 18.51
N CYS A 534 10.22 -9.90 18.42
CA CYS A 534 9.34 -9.30 17.43
C CYS A 534 7.96 -9.89 17.66
N LYS A 535 6.97 -9.34 16.94
CA LYS A 535 5.63 -9.87 16.85
C LYS A 535 5.49 -10.62 15.55
N LEU A 536 4.40 -11.39 15.42
CA LEU A 536 4.21 -12.23 14.24
C LEU A 536 2.73 -12.30 13.89
N GLY A 537 2.38 -11.84 12.68
CA GLY A 537 0.98 -11.79 12.29
C GLY A 537 0.64 -12.29 10.89
N THR A 538 1.61 -12.91 10.23
CA THR A 538 1.61 -13.07 8.79
C THR A 538 1.76 -14.53 8.42
N GLY A 539 0.80 -15.06 7.70
CA GLY A 539 1.07 -16.26 6.95
C GLY A 539 0.79 -17.56 7.65
N PHE A 540 -0.30 -17.60 8.40
CA PHE A 540 -0.90 -18.87 8.80
C PHE A 540 -2.31 -18.92 8.27
N SER A 541 -2.75 -20.11 7.83
CA SER A 541 -4.12 -20.25 7.35
C SER A 541 -5.10 -20.03 8.49
N ASP A 542 -6.29 -19.57 8.14
CA ASP A 542 -7.34 -19.47 9.14
C ASP A 542 -7.42 -20.73 9.99
N GLU A 543 -7.30 -21.91 9.38
CA GLU A 543 -7.40 -23.13 10.17
C GLU A 543 -6.20 -23.28 11.11
N GLU A 544 -4.96 -23.10 10.60
CA GLU A 544 -3.81 -23.16 11.49
C GLU A 544 -3.93 -22.16 12.60
N LEU A 545 -4.56 -21.02 12.32
CA LEU A 545 -4.71 -20.01 13.35
C LEU A 545 -5.73 -20.42 14.40
N GLU A 546 -6.55 -21.42 14.15
CA GLU A 546 -7.32 -21.96 15.27
C GLU A 546 -6.69 -23.22 15.85
N GLU A 547 -5.97 -24.01 15.05
CA GLU A 547 -5.06 -25.00 15.63
C GLU A 547 -4.26 -24.35 16.76
N HIS A 548 -3.79 -23.11 16.54
CA HIS A 548 -3.03 -22.43 17.59
C HIS A 548 -3.94 -22.01 18.74
N HIS A 549 -5.12 -21.43 18.45
CA HIS A 549 -6.00 -21.01 19.54
C HIS A 549 -6.41 -22.17 20.43
N GLN A 550 -6.56 -23.38 19.87
CA GLN A 550 -6.92 -24.56 20.66
C GLN A 550 -5.72 -25.19 21.37
N SER A 551 -4.50 -24.98 20.88
CA SER A 551 -3.31 -25.53 21.55
C SER A 551 -2.64 -24.52 22.47
N LEU A 552 -3.10 -23.28 22.50
CA LEU A 552 -2.59 -22.28 23.42
C LEU A 552 -3.61 -21.88 24.46
N LYS A 553 -4.87 -22.30 24.31
CA LYS A 553 -5.92 -21.96 25.27
C LYS A 553 -5.55 -22.45 26.68
N ALA A 554 -4.94 -23.62 26.77
CA ALA A 554 -4.56 -24.14 28.07
C ALA A 554 -3.48 -23.30 28.73
N LEU A 555 -2.73 -22.50 27.96
CA LEU A 555 -1.51 -21.87 28.46
C LEU A 555 -1.66 -20.39 28.78
N VAL A 556 -2.88 -19.87 28.82
CA VAL A 556 -3.05 -18.44 29.04
C VAL A 556 -2.74 -18.11 30.49
N LEU A 557 -2.03 -17.01 30.72
CA LEU A 557 -1.60 -16.60 32.06
C LEU A 557 -2.00 -15.16 32.34
N PRO A 558 -2.23 -14.83 33.61
CA PRO A 558 -2.70 -13.48 33.99
C PRO A 558 -1.60 -12.46 34.22
N SER A 559 -0.37 -12.94 34.24
CA SER A 559 0.83 -12.22 34.63
C SER A 559 1.94 -12.83 33.80
N PRO A 560 2.97 -12.06 33.46
CA PRO A 560 4.09 -12.63 32.73
C PRO A 560 4.87 -13.58 33.62
N ARG A 561 5.64 -14.46 33.00
CA ARG A 561 6.61 -15.16 33.80
C ARG A 561 7.72 -14.19 34.20
N PRO A 562 8.48 -14.50 35.26
CA PRO A 562 9.51 -13.55 35.72
C PRO A 562 10.78 -13.58 34.89
N TYR A 563 11.00 -14.64 34.11
CA TYR A 563 12.17 -14.78 33.26
C TYR A 563 11.90 -14.37 31.83
N VAL A 564 10.77 -13.74 31.55
CA VAL A 564 10.42 -13.21 30.24
C VAL A 564 10.67 -11.71 30.27
N ARG A 565 11.29 -11.16 29.23
CA ARG A 565 11.58 -9.72 29.18
C ARG A 565 11.19 -9.16 27.83
N ILE A 566 10.17 -8.30 27.78
CA ILE A 566 9.77 -7.70 26.52
C ILE A 566 10.16 -6.25 26.38
N ASP A 567 10.69 -5.61 27.42
CA ASP A 567 11.08 -4.19 27.35
C ASP A 567 9.87 -3.38 26.87
N GLY A 568 10.05 -2.46 25.91
CA GLY A 568 8.94 -1.65 25.44
C GLY A 568 8.19 -2.24 24.26
N ALA A 569 8.05 -3.57 24.23
CA ALA A 569 7.19 -4.23 23.27
C ALA A 569 5.72 -4.01 23.65
N VAL A 570 4.85 -4.11 22.67
CA VAL A 570 3.42 -4.07 22.99
C VAL A 570 3.09 -5.18 23.96
N ILE A 571 2.43 -4.85 25.06
CA ILE A 571 2.04 -5.86 26.04
C ILE A 571 1.04 -6.80 25.37
N PRO A 572 1.29 -8.11 25.34
CA PRO A 572 0.28 -9.02 24.79
C PRO A 572 -1.05 -8.86 25.51
N ASP A 573 -2.13 -9.11 24.77
CA ASP A 573 -3.41 -9.24 25.44
C ASP A 573 -3.37 -10.42 26.40
N HIS A 574 -2.97 -11.59 25.90
CA HIS A 574 -2.90 -12.82 26.69
C HIS A 574 -1.46 -13.28 26.81
N TRP A 575 -0.87 -13.15 28.01
CA TRP A 575 0.43 -13.75 28.24
C TRP A 575 0.31 -15.27 28.16
N LEU A 576 1.43 -15.93 27.92
CA LEU A 576 1.39 -17.35 27.61
C LEU A 576 2.56 -18.07 28.25
N ASP A 577 2.27 -19.17 28.93
CA ASP A 577 3.29 -19.96 29.57
C ASP A 577 4.16 -20.27 28.37
N PRO A 578 5.43 -19.98 28.43
CA PRO A 578 6.29 -20.24 27.27
C PRO A 578 6.65 -21.63 26.75
N SER A 579 5.95 -22.10 25.73
CA SER A 579 5.94 -23.51 25.36
C SER A 579 6.06 -23.71 23.86
N ALA A 580 5.44 -22.84 23.05
CA ALA A 580 5.33 -23.12 21.62
C ALA A 580 6.54 -22.55 20.87
N VAL A 581 7.09 -23.36 19.96
CA VAL A 581 8.27 -22.97 19.18
C VAL A 581 7.91 -23.04 17.71
N TRP A 582 7.94 -21.91 17.04
CA TRP A 582 7.58 -21.83 15.64
C TRP A 582 8.83 -21.59 14.79
N GLU A 583 8.82 -22.08 13.55
CA GLU A 583 9.87 -21.71 12.59
C GLU A 583 9.45 -20.43 11.90
N VAL A 584 10.23 -19.36 12.08
CA VAL A 584 9.92 -18.03 11.59
C VAL A 584 10.95 -17.64 10.55
N LYS A 585 10.50 -16.95 9.48
CA LYS A 585 11.38 -16.43 8.44
C LYS A 585 11.25 -14.91 8.37
N CYS A 586 12.33 -14.26 7.91
CA CYS A 586 12.38 -12.81 7.80
C CYS A 586 13.32 -12.47 6.66
N ALA A 587 13.20 -11.24 6.16
CA ALA A 587 14.12 -10.75 5.14
C ALA A 587 15.52 -10.54 5.70
N ASP A 588 15.68 -9.50 6.52
CA ASP A 588 16.91 -9.17 7.21
C ASP A 588 16.63 -9.07 8.69
N LEU A 589 17.70 -8.80 9.45
CA LEU A 589 17.69 -8.48 10.87
C LEU A 589 18.05 -7.02 11.03
N SER A 590 17.70 -6.44 12.17
CA SER A 590 17.85 -5.00 12.39
C SER A 590 18.13 -4.69 13.87
N LEU A 591 18.64 -3.49 14.11
CA LEU A 591 19.01 -3.06 15.46
C LEU A 591 17.82 -2.31 16.03
N SER A 592 17.07 -2.99 16.94
CA SER A 592 15.76 -2.52 17.43
C SER A 592 15.91 -1.45 18.51
N PRO A 593 15.12 -0.36 18.52
CA PRO A 593 15.14 0.54 19.66
C PRO A 593 14.25 0.06 20.83
N ILE A 594 13.43 -0.99 20.65
CA ILE A 594 12.42 -1.41 21.68
C ILE A 594 12.54 -2.89 22.08
N TYR A 595 13.17 -3.72 21.26
CA TYR A 595 13.25 -5.18 21.53
C TYR A 595 14.57 -5.50 22.24
N PRO A 596 14.50 -6.29 23.33
CA PRO A 596 15.68 -6.62 24.13
C PRO A 596 16.48 -7.80 23.64
N ALA A 597 15.95 -8.56 22.69
CA ALA A 597 16.64 -9.75 22.20
C ALA A 597 18.07 -9.42 21.81
N ALA A 598 19.03 -10.05 22.50
CA ALA A 598 20.45 -9.88 22.19
C ALA A 598 20.91 -8.43 22.31
N ARG A 599 20.37 -7.67 23.26
CA ARG A 599 20.90 -6.34 23.51
C ARG A 599 22.28 -6.45 24.17
N GLY A 600 23.15 -5.48 23.85
CA GLY A 600 24.53 -5.51 24.27
C GLY A 600 25.43 -6.44 23.49
N LEU A 601 24.88 -7.43 22.79
CA LEU A 601 25.74 -8.38 22.04
C LEU A 601 26.40 -7.67 20.86
N VAL A 602 25.74 -6.72 20.21
CA VAL A 602 26.22 -6.12 18.96
C VAL A 602 26.16 -4.58 19.05
N ASP A 603 25.57 -4.06 20.10
CA ASP A 603 25.45 -2.63 20.21
C ASP A 603 25.10 -2.32 21.66
N SER A 604 25.69 -1.25 22.19
CA SER A 604 25.55 -0.98 23.63
C SER A 604 24.09 -0.90 24.06
N ASP A 605 23.18 -0.44 23.21
CA ASP A 605 21.84 -0.17 23.69
C ASP A 605 20.70 -0.82 22.93
N LYS A 606 20.95 -1.56 21.85
CA LYS A 606 19.84 -2.03 21.05
C LYS A 606 19.92 -3.53 20.88
N GLY A 607 18.83 -4.21 21.22
CA GLY A 607 18.65 -5.60 20.83
C GLY A 607 18.38 -5.65 19.35
N ILE A 608 17.91 -6.82 18.89
CA ILE A 608 17.79 -7.10 17.47
C ILE A 608 16.38 -7.54 17.15
N SER A 609 15.83 -7.07 16.02
CA SER A 609 14.52 -7.56 15.62
C SER A 609 14.52 -8.00 14.15
N LEU A 610 13.40 -8.60 13.75
CA LEU A 610 13.23 -9.18 12.44
C LEU A 610 12.44 -8.20 11.57
N ARG A 611 12.97 -7.88 10.38
CA ARG A 611 12.15 -7.20 9.38
C ARG A 611 11.29 -8.21 8.63
N PHE A 612 9.97 -7.93 8.57
CA PHE A 612 9.03 -8.69 7.78
C PHE A 612 8.97 -10.17 8.16
N PRO A 613 8.68 -10.49 9.44
CA PRO A 613 8.56 -11.89 9.85
C PRO A 613 7.28 -12.60 9.44
N ARG A 614 7.42 -13.79 8.88
CA ARG A 614 6.31 -14.65 8.52
C ARG A 614 6.46 -15.98 9.26
N PHE A 615 5.32 -16.60 9.59
CA PHE A 615 5.31 -17.91 10.23
C PHE A 615 5.34 -19.02 9.19
N ILE A 616 6.18 -20.02 9.43
CA ILE A 616 6.39 -21.12 8.50
C ILE A 616 5.77 -22.40 9.03
N ARG A 617 6.32 -22.92 10.12
CA ARG A 617 5.82 -24.18 10.63
C ARG A 617 5.99 -24.20 12.15
N VAL A 618 5.06 -24.87 12.82
CA VAL A 618 5.28 -25.19 14.22
C VAL A 618 6.45 -26.16 14.34
N ARG A 619 7.09 -26.19 15.50
CA ARG A 619 8.11 -27.18 15.79
C ARG A 619 7.76 -27.89 17.10
N GLU A 620 7.25 -29.13 16.99
CA GLU A 620 6.87 -29.89 18.18
C GLU A 620 8.08 -30.56 18.81
N ASP A 621 9.10 -30.84 18.01
CA ASP A 621 10.29 -31.51 18.49
C ASP A 621 11.07 -30.63 19.47
N LYS A 622 10.98 -29.30 19.32
CA LYS A 622 11.82 -28.38 20.05
C LYS A 622 11.07 -27.82 21.27
N GLN A 623 11.67 -27.97 22.46
CA GLN A 623 11.17 -27.29 23.64
C GLN A 623 11.74 -25.87 23.67
N PRO A 624 11.18 -24.96 24.53
CA PRO A 624 11.67 -23.57 24.53
C PRO A 624 13.16 -23.52 24.73
N GLU A 625 13.70 -24.63 25.23
CA GLU A 625 15.12 -24.75 25.49
C GLU A 625 16.01 -24.93 24.26
N GLN A 626 15.46 -25.47 23.16
CA GLN A 626 16.30 -25.65 22.00
C GLN A 626 16.05 -24.62 20.92
N ALA A 627 15.35 -23.54 21.21
CA ALA A 627 15.08 -22.54 20.18
C ALA A 627 16.35 -21.72 19.91
N THR A 628 16.27 -20.80 18.92
CA THR A 628 17.44 -19.99 18.58
C THR A 628 17.87 -19.18 19.79
N THR A 629 19.18 -19.15 20.03
CA THR A 629 19.69 -18.44 21.19
C THR A 629 20.07 -17.02 20.79
N SER A 630 19.94 -16.11 21.77
CA SER A 630 20.31 -14.72 21.53
C SER A 630 21.77 -14.61 21.13
N ALA A 631 22.61 -15.50 21.64
CA ALA A 631 23.94 -15.64 21.09
C ALA A 631 23.89 -15.94 19.59
N GLN A 632 23.15 -16.99 19.20
CA GLN A 632 23.05 -17.33 17.78
C GLN A 632 22.47 -16.17 16.97
N VAL A 633 21.54 -15.41 17.55
CA VAL A 633 20.89 -14.35 16.78
C VAL A 633 21.90 -13.24 16.49
N ALA A 634 22.54 -12.72 17.54
CA ALA A 634 23.68 -11.82 17.39
C ALA A 634 24.65 -12.30 16.32
N CYS A 635 24.96 -13.60 16.30
CA CYS A 635 25.83 -14.11 15.25
CA CYS A 635 25.83 -14.11 15.25
C CYS A 635 25.14 -14.04 13.89
N LEU A 636 23.83 -14.31 13.86
CA LEU A 636 23.14 -14.21 12.58
C LEU A 636 23.24 -12.80 12.01
N TYR A 637 22.88 -11.80 12.82
CA TYR A 637 22.88 -10.42 12.34
C TYR A 637 24.26 -10.02 11.82
N ARG A 638 25.32 -10.45 12.52
CA ARG A 638 26.66 -10.10 12.08
C ARG A 638 26.96 -10.62 10.68
N LYS A 639 26.44 -11.82 10.35
CA LYS A 639 26.68 -12.43 9.05
C LYS A 639 26.15 -11.58 7.89
N GLN A 640 25.20 -10.66 8.15
CA GLN A 640 24.93 -9.53 7.26
C GLN A 640 26.05 -8.53 7.55
N SER A 641 27.17 -8.71 6.83
CA SER A 641 28.47 -8.02 7.02
C SER A 641 28.50 -6.90 8.06
#